data_4GIS
#
_entry.id   4GIS
#
_cell.length_a   181.195
_cell.length_b   181.195
_cell.length_c   115.835
_cell.angle_alpha   90.000
_cell.angle_beta   90.000
_cell.angle_gamma   90.000
#
_symmetry.space_group_name_H-M   'I 41 2 2'
#
loop_
_entity.id
_entity.type
_entity.pdbx_description
1 polymer Enolase
2 non-polymer 'CHLORIDE ION'
3 non-polymer GLYCEROL
4 non-polymer 'MALONIC ACID'
5 non-polymer 'MAGNESIUM ION'
6 non-polymer 'MALEIC ACID'
7 water water
#
_entity_poly.entity_id   1
_entity_poly.type   'polypeptide(L)'
_entity_poly.pdbx_seq_one_letter_code
;MHHHHHHSSGVDLGTENLYFQSMMNKNTISNIECVITKPDRHNLITVIVETESGVTGYGCATFQQRPLAVKTMVDEYLKP
LLIGKDANNIEDLWQMMMVNAYWRNGPVINNAISGVDMALWDIKAKIANMPLHQLFGGKSRDAIQVYTHATSDTMEGLYE
QVDKYLEQGYQHIRCQLGFYGGVPENIQTAQNPTQGSYYDQDQYIENTVEMFKNLREKYGKQFHILHDVHERLFPNQAIQ
FAKQIEQYNPFFIEDILPPSQTEWLDNIRNQSSVSLALGELFNNPEEWKALIINRRVDFIRCHVSQIGGITPALKLGHFC
ESFGVRIAWHCPPDMTPIGAAVNTHLNVHLHNAAIQEHVEYKANTQRVFPNAAEPINGYLYASEIAGIGVEMDREAAQDF
PVEYRPHEWTQSRLPDGSIHTP
;
_entity_poly.pdbx_strand_id   A,B
#
# COMPACT_ATOMS: atom_id res chain seq x y z
N LEU A 18 -16.88 -37.85 13.45
CA LEU A 18 -17.20 -37.51 14.84
C LEU A 18 -16.99 -36.01 15.12
N TYR A 19 -17.96 -35.44 15.85
CA TYR A 19 -18.09 -34.01 16.10
C TYR A 19 -16.82 -33.27 16.59
N PHE A 20 -16.02 -33.95 17.41
CA PHE A 20 -14.87 -33.32 18.06
C PHE A 20 -13.59 -33.34 17.21
N GLN A 21 -13.64 -33.98 16.05
CA GLN A 21 -12.39 -34.26 15.33
C GLN A 21 -11.71 -33.00 14.80
N SER A 22 -12.49 -32.02 14.34
CA SER A 22 -11.91 -30.79 13.81
C SER A 22 -11.08 -30.07 14.88
N MET A 23 -11.65 -29.96 16.08
CA MET A 23 -10.99 -29.29 17.19
C MET A 23 -9.84 -30.11 17.77
N MET A 24 -9.87 -31.43 17.61
CA MET A 24 -8.83 -32.28 18.20
C MET A 24 -7.52 -32.13 17.45
N ASN A 25 -7.63 -31.83 16.17
CA ASN A 25 -6.46 -31.75 15.33
C ASN A 25 -6.03 -30.30 15.11
N LYS A 26 -6.65 -29.38 15.86
CA LYS A 26 -6.27 -27.96 15.78
C LYS A 26 -4.82 -27.79 16.23
N ASN A 27 -4.12 -26.81 15.65
CA ASN A 27 -2.78 -26.48 16.13
C ASN A 27 -2.76 -25.03 16.54
N THR A 28 -2.73 -24.82 17.86
CA THR A 28 -2.95 -23.50 18.43
C THR A 28 -1.70 -22.64 18.41
N ILE A 29 -1.84 -21.43 17.87
CA ILE A 29 -0.72 -20.49 17.85
C ILE A 29 -0.41 -20.05 19.28
N SER A 30 0.82 -20.27 19.72
CA SER A 30 1.21 -19.94 21.09
C SER A 30 2.17 -18.75 21.18
N ASN A 31 2.88 -18.46 20.10
CA ASN A 31 3.79 -17.31 20.10
C ASN A 31 4.08 -16.84 18.69
N ILE A 32 4.39 -15.54 18.55
CA ILE A 32 4.78 -14.96 17.29
C ILE A 32 5.99 -14.09 17.56
N GLU A 33 7.06 -14.28 16.78
CA GLU A 33 8.25 -13.47 16.93
C GLU A 33 8.71 -12.93 15.60
N CYS A 34 9.40 -11.80 15.63
CA CYS A 34 9.93 -11.21 14.39
C CYS A 34 11.36 -10.80 14.65
N VAL A 35 12.28 -11.34 13.87
CA VAL A 35 13.69 -11.08 14.07
C VAL A 35 14.29 -10.39 12.86
N ILE A 36 14.96 -9.26 13.08
CA ILE A 36 15.74 -8.64 12.01
C ILE A 36 17.20 -9.06 12.18
N THR A 37 17.81 -9.52 11.10
CA THR A 37 19.22 -9.89 11.13
C THR A 37 19.91 -9.34 9.88
N LYS A 38 21.16 -8.90 10.03
CA LYS A 38 21.92 -8.39 8.89
C LYS A 38 23.26 -9.13 8.80
N PRO A 39 23.23 -10.40 8.39
CA PRO A 39 24.48 -11.17 8.34
C PRO A 39 25.46 -10.60 7.33
N ASP A 40 24.95 -10.02 6.25
CA ASP A 40 25.81 -9.42 5.24
C ASP A 40 25.34 -8.02 4.84
N ARG A 41 24.97 -7.82 3.58
CA ARG A 41 24.69 -6.47 3.10
C ARG A 41 23.28 -5.93 3.40
N HIS A 42 22.36 -6.81 3.78
CA HIS A 42 20.94 -6.42 3.85
C HIS A 42 20.25 -6.81 5.15
N ASN A 43 19.39 -5.93 5.65
CA ASN A 43 18.54 -6.27 6.78
C ASN A 43 17.44 -7.24 6.36
N LEU A 44 17.51 -8.46 6.88
CA LEU A 44 16.56 -9.52 6.55
C LEU A 44 15.57 -9.68 7.69
N ILE A 45 14.34 -10.05 7.37
CA ILE A 45 13.31 -10.15 8.40
C ILE A 45 12.66 -11.52 8.39
N THR A 46 12.70 -12.21 9.53
CA THR A 46 12.12 -13.53 9.67
C THR A 46 10.99 -13.47 10.68
N VAL A 47 9.88 -14.11 10.36
CA VAL A 47 8.81 -14.30 11.33
C VAL A 47 8.81 -15.75 11.79
N ILE A 48 8.67 -15.95 13.10
CA ILE A 48 8.65 -17.29 13.69
C ILE A 48 7.34 -17.52 14.44
N VAL A 49 6.62 -18.58 14.08
CA VAL A 49 5.34 -18.90 14.70
C VAL A 49 5.48 -20.22 15.43
N GLU A 50 5.13 -20.22 16.71
CA GLU A 50 5.17 -21.44 17.51
C GLU A 50 3.76 -21.93 17.80
N THR A 51 3.57 -23.25 17.82
CA THR A 51 2.28 -23.81 18.22
C THR A 51 2.35 -24.43 19.61
N GLU A 52 1.20 -24.58 20.25
CA GLU A 52 1.12 -25.17 21.58
C GLU A 52 1.65 -26.60 21.55
N SER A 53 1.49 -27.26 20.39
CA SER A 53 2.01 -28.61 20.16
C SER A 53 3.54 -28.66 20.07
N GLY A 54 4.16 -27.49 19.89
CA GLY A 54 5.61 -27.43 19.81
C GLY A 54 6.15 -27.50 18.39
N VAL A 55 5.29 -27.21 17.40
CA VAL A 55 5.76 -27.13 16.02
C VAL A 55 6.16 -25.68 15.77
N THR A 56 7.22 -25.45 15.02
CA THR A 56 7.69 -24.09 14.78
C THR A 56 7.76 -23.85 13.29
N GLY A 57 7.20 -22.73 12.83
CA GLY A 57 7.27 -22.38 11.42
C GLY A 57 8.05 -21.10 11.24
N TYR A 58 8.69 -20.95 10.09
CA TYR A 58 9.49 -19.77 9.75
C TYR A 58 8.98 -19.14 8.46
N GLY A 59 9.01 -17.81 8.38
CA GLY A 59 8.53 -17.12 7.18
C GLY A 59 9.35 -15.87 6.88
N CYS A 60 9.27 -15.39 5.64
CA CYS A 60 10.04 -14.21 5.24
C CYS A 60 9.14 -12.99 5.21
N ALA A 61 9.59 -11.94 5.87
CA ALA A 61 8.86 -10.67 5.91
C ALA A 61 9.77 -9.55 5.45
N THR A 62 10.71 -9.88 4.58
CA THR A 62 11.78 -8.93 4.27
C THR A 62 11.40 -7.78 3.34
N PHE A 63 11.25 -6.60 3.93
CA PHE A 63 11.13 -5.30 3.24
C PHE A 63 12.39 -4.59 3.74
N GLN A 64 13.50 -4.71 3.03
CA GLN A 64 14.79 -4.34 3.60
C GLN A 64 14.90 -2.86 4.00
N GLN A 65 14.20 -1.99 3.27
CA GLN A 65 14.35 -0.54 3.45
C GLN A 65 13.71 -0.02 4.73
N ARG A 66 12.74 -0.75 5.26
CA ARG A 66 12.00 -0.29 6.43
C ARG A 66 11.76 -1.41 7.45
N PRO A 67 12.84 -2.11 7.85
CA PRO A 67 12.64 -3.32 8.65
C PRO A 67 12.02 -3.08 10.03
N LEU A 68 12.31 -1.96 10.68
CA LEU A 68 11.75 -1.74 12.01
C LEU A 68 10.24 -1.54 11.92
N ALA A 69 9.78 -1.03 10.78
CA ALA A 69 8.35 -0.83 10.59
C ALA A 69 7.63 -2.17 10.46
N VAL A 70 8.25 -3.12 9.78
CA VAL A 70 7.64 -4.45 9.66
C VAL A 70 7.62 -5.12 11.02
N LYS A 71 8.71 -4.98 11.77
CA LYS A 71 8.79 -5.61 13.08
C LYS A 71 7.76 -5.04 14.04
N THR A 72 7.59 -3.72 14.03
CA THR A 72 6.53 -3.11 14.83
C THR A 72 5.16 -3.68 14.47
N MET A 73 4.93 -3.82 13.16
CA MET A 73 3.67 -4.37 12.66
C MET A 73 3.43 -5.78 13.21
N VAL A 74 4.45 -6.65 13.14
CA VAL A 74 4.29 -8.00 13.68
C VAL A 74 4.13 -7.99 15.21
N ASP A 75 5.07 -7.37 15.90
CA ASP A 75 5.10 -7.45 17.37
C ASP A 75 3.92 -6.80 18.06
N GLU A 76 3.51 -5.64 17.56
CA GLU A 76 2.48 -4.85 18.24
C GLU A 76 1.06 -5.12 17.76
N TYR A 77 0.91 -5.70 16.58
CA TYR A 77 -0.43 -5.84 15.99
C TYR A 77 -0.77 -7.26 15.56
N LEU A 78 0.08 -7.91 14.78
CA LEU A 78 -0.25 -9.28 14.36
C LEU A 78 -0.16 -10.25 15.54
N LYS A 79 0.78 -10.02 16.45
CA LYS A 79 0.93 -10.92 17.59
C LYS A 79 -0.33 -10.99 18.48
N PRO A 80 -0.83 -9.84 18.97
CA PRO A 80 -2.04 -9.99 19.80
C PRO A 80 -3.25 -10.47 19.01
N LEU A 81 -3.27 -10.23 17.70
CA LEU A 81 -4.36 -10.72 16.87
C LEU A 81 -4.39 -12.24 16.76
N LEU A 82 -3.22 -12.87 16.69
CA LEU A 82 -3.13 -14.27 16.24
C LEU A 82 -2.97 -15.28 17.36
N ILE A 83 -2.40 -14.87 18.49
CA ILE A 83 -2.14 -15.84 19.53
C ILE A 83 -3.44 -16.46 19.99
N GLY A 84 -3.48 -17.78 20.04
CA GLY A 84 -4.68 -18.48 20.48
C GLY A 84 -5.51 -19.08 19.37
N LYS A 85 -5.27 -18.63 18.13
CA LYS A 85 -6.05 -19.11 16.98
C LYS A 85 -5.47 -20.39 16.37
N ASP A 86 -6.29 -21.10 15.61
CA ASP A 86 -5.89 -22.38 15.02
C ASP A 86 -5.07 -22.15 13.76
N ALA A 87 -3.79 -22.51 13.80
CA ALA A 87 -2.89 -22.33 12.66
C ALA A 87 -3.31 -23.11 11.42
N ASN A 88 -4.14 -24.13 11.60
CA ASN A 88 -4.52 -25.01 10.47
C ASN A 88 -5.22 -24.26 9.35
N ASN A 89 -6.03 -23.28 9.74
CA ASN A 89 -6.88 -22.58 8.78
C ASN A 89 -6.18 -21.40 8.19
N ILE A 90 -5.16 -21.68 7.39
CA ILE A 90 -4.34 -20.64 6.81
C ILE A 90 -5.18 -19.68 5.98
N GLU A 91 -6.12 -20.22 5.20
CA GLU A 91 -6.91 -19.37 4.33
C GLU A 91 -7.74 -18.38 5.13
N ASP A 92 -8.41 -18.84 6.18
CA ASP A 92 -9.17 -17.90 7.00
C ASP A 92 -8.25 -16.85 7.62
N LEU A 93 -7.13 -17.30 8.15
CA LEU A 93 -6.24 -16.38 8.86
C LEU A 93 -5.67 -15.35 7.89
N TRP A 94 -5.45 -15.75 6.65
CA TRP A 94 -4.97 -14.79 5.64
C TRP A 94 -6.04 -13.77 5.31
N GLN A 95 -7.26 -14.23 5.04
CA GLN A 95 -8.34 -13.32 4.69
C GLN A 95 -8.58 -12.35 5.83
N MET A 96 -8.53 -12.86 7.06
N MET A 96 -8.53 -12.85 7.06
CA MET A 96 -8.75 -12.06 8.27
CA MET A 96 -8.78 -12.05 8.26
C MET A 96 -7.65 -11.02 8.45
C MET A 96 -7.65 -11.03 8.49
N MET A 97 -6.40 -11.47 8.36
CA MET A 97 -5.26 -10.58 8.55
C MET A 97 -5.28 -9.42 7.55
N MET A 98 -5.62 -9.74 6.30
CA MET A 98 -5.51 -8.76 5.23
C MET A 98 -6.41 -7.56 5.45
N VAL A 99 -7.60 -7.80 6.00
CA VAL A 99 -8.55 -6.71 6.22
C VAL A 99 -8.54 -6.19 7.66
N ASN A 100 -7.64 -6.72 8.50
CA ASN A 100 -7.70 -6.45 9.93
C ASN A 100 -7.48 -5.00 10.37
N ALA A 101 -6.72 -4.24 9.58
CA ALA A 101 -6.49 -2.83 9.93
C ALA A 101 -7.44 -1.89 9.19
N TYR A 102 -8.45 -2.47 8.55
CA TYR A 102 -9.40 -1.77 7.67
C TYR A 102 -8.70 -1.32 6.40
N TRP A 103 -7.86 -0.30 6.53
CA TRP A 103 -6.98 0.04 5.42
C TRP A 103 -6.00 -1.10 5.25
N ARG A 104 -5.55 -1.30 4.03
CA ARG A 104 -4.81 -2.53 3.73
C ARG A 104 -3.97 -2.39 2.47
N ASN A 105 -3.39 -3.53 2.07
CA ASN A 105 -2.43 -3.58 0.97
C ASN A 105 -1.17 -2.80 1.39
N GLY A 106 -0.17 -2.71 0.53
CA GLY A 106 1.02 -1.97 0.92
C GLY A 106 2.14 -2.80 1.53
N PRO A 107 3.36 -2.26 1.46
CA PRO A 107 4.57 -3.03 1.77
C PRO A 107 4.74 -3.39 3.25
N VAL A 108 4.35 -2.52 4.18
CA VAL A 108 4.54 -2.85 5.61
C VAL A 108 3.59 -3.94 6.10
N ILE A 109 2.30 -3.74 5.86
CA ILE A 109 1.31 -4.72 6.26
C ILE A 109 1.54 -6.06 5.54
N ASN A 110 1.71 -6.01 4.22
CA ASN A 110 1.82 -7.27 3.46
C ASN A 110 3.03 -8.10 3.85
N ASN A 111 4.16 -7.45 4.12
CA ASN A 111 5.35 -8.20 4.52
C ASN A 111 5.15 -8.85 5.89
N ALA A 112 4.52 -8.14 6.82
CA ALA A 112 4.26 -8.74 8.13
C ALA A 112 3.33 -9.95 7.96
N ILE A 113 2.27 -9.79 7.17
CA ILE A 113 1.35 -10.89 6.92
C ILE A 113 2.05 -12.05 6.20
N SER A 114 2.91 -11.73 5.25
CA SER A 114 3.66 -12.76 4.53
C SER A 114 4.48 -13.63 5.48
N GLY A 115 5.16 -13.00 6.44
CA GLY A 115 5.98 -13.75 7.37
C GLY A 115 5.14 -14.76 8.14
N VAL A 116 3.96 -14.34 8.58
CA VAL A 116 3.07 -15.24 9.27
C VAL A 116 2.56 -16.34 8.33
N ASP A 117 2.07 -15.94 7.17
CA ASP A 117 1.52 -16.89 6.20
C ASP A 117 2.52 -17.98 5.83
N MET A 118 3.75 -17.61 5.55
CA MET A 118 4.76 -18.60 5.19
C MET A 118 5.06 -19.54 6.34
N ALA A 119 5.09 -19.00 7.55
CA ALA A 119 5.33 -19.82 8.73
C ALA A 119 4.16 -20.79 8.98
N LEU A 120 2.93 -20.35 8.72
CA LEU A 120 1.77 -21.24 8.88
C LEU A 120 1.83 -22.38 7.85
N TRP A 121 2.26 -22.08 6.63
CA TRP A 121 2.46 -23.12 5.62
C TRP A 121 3.59 -24.06 6.01
N ASP A 122 4.64 -23.51 6.62
CA ASP A 122 5.75 -24.33 7.10
C ASP A 122 5.22 -25.30 8.15
N ILE A 123 4.44 -24.78 9.10
CA ILE A 123 3.83 -25.62 10.14
C ILE A 123 2.97 -26.73 9.54
N LYS A 124 2.12 -26.37 8.58
CA LYS A 124 1.22 -27.35 7.97
C LYS A 124 2.01 -28.44 7.26
N ALA A 125 3.08 -28.05 6.57
CA ALA A 125 3.89 -29.03 5.84
C ALA A 125 4.65 -29.93 6.81
N LYS A 126 5.11 -29.38 7.93
CA LYS A 126 5.77 -30.18 8.95
C LYS A 126 4.80 -31.18 9.57
N ILE A 127 3.58 -30.73 9.83
CA ILE A 127 2.55 -31.59 10.41
C ILE A 127 2.17 -32.70 9.42
N ALA A 128 2.17 -32.37 8.13
CA ALA A 128 1.89 -33.34 7.08
C ALA A 128 3.08 -34.27 6.86
N ASN A 129 4.23 -33.90 7.42
CA ASN A 129 5.50 -34.55 7.16
C ASN A 129 5.82 -34.64 5.66
N MET A 130 5.67 -33.52 4.96
CA MET A 130 5.91 -33.44 3.52
C MET A 130 6.67 -32.17 3.25
N PRO A 131 7.45 -32.14 2.16
CA PRO A 131 8.01 -30.87 1.67
C PRO A 131 6.86 -29.94 1.26
N LEU A 132 7.08 -28.63 1.33
CA LEU A 132 6.01 -27.66 1.09
C LEU A 132 5.33 -27.86 -0.26
N HIS A 133 6.11 -28.06 -1.32
CA HIS A 133 5.52 -28.18 -2.66
C HIS A 133 4.63 -29.41 -2.79
N GLN A 134 4.85 -30.42 -1.95
CA GLN A 134 4.00 -31.60 -2.03
C GLN A 134 2.60 -31.33 -1.47
N LEU A 135 2.49 -30.47 -0.47
CA LEU A 135 1.18 -30.01 0.02
C LEU A 135 0.37 -29.38 -1.09
N PHE A 136 1.05 -28.60 -1.94
CA PHE A 136 0.40 -27.84 -3.01
C PHE A 136 -0.25 -28.76 -4.03
N GLY A 137 0.25 -29.99 -4.14
CA GLY A 137 -0.15 -30.87 -5.22
C GLY A 137 1.03 -31.46 -5.98
N GLY A 138 2.24 -31.21 -5.52
CA GLY A 138 3.40 -31.89 -6.07
C GLY A 138 4.08 -31.14 -7.20
N LYS A 139 5.07 -31.78 -7.83
CA LYS A 139 5.87 -31.07 -8.82
C LYS A 139 5.18 -31.07 -10.17
N SER A 140 5.39 -30.00 -10.95
CA SER A 140 5.05 -30.05 -12.37
C SER A 140 6.30 -29.84 -13.23
N ARG A 141 7.47 -29.84 -12.61
CA ARG A 141 8.75 -29.85 -13.31
C ARG A 141 9.78 -30.50 -12.39
N ASP A 142 10.94 -30.88 -12.91
CA ASP A 142 11.92 -31.56 -12.08
C ASP A 142 12.67 -30.58 -11.18
N ALA A 143 12.88 -29.38 -11.69
CA ALA A 143 13.64 -28.34 -10.99
C ALA A 143 13.41 -27.06 -11.78
N ILE A 144 13.77 -25.92 -11.21
CA ILE A 144 13.51 -24.64 -11.88
C ILE A 144 14.83 -24.09 -12.41
N GLN A 145 14.81 -23.62 -13.66
CA GLN A 145 16.00 -23.00 -14.25
C GLN A 145 16.32 -21.71 -13.50
N VAL A 146 17.58 -21.32 -13.52
CA VAL A 146 18.05 -20.19 -12.72
C VAL A 146 18.76 -19.15 -13.59
N TYR A 147 18.56 -17.87 -13.29
CA TYR A 147 19.42 -16.84 -13.88
C TYR A 147 20.21 -16.10 -12.80
N THR A 148 21.38 -15.61 -13.17
CA THR A 148 22.24 -14.85 -12.26
C THR A 148 22.45 -13.42 -12.73
N HIS A 149 23.15 -12.64 -11.91
CA HIS A 149 23.44 -11.24 -12.22
C HIS A 149 24.90 -11.01 -12.63
N ALA A 150 25.10 -10.53 -13.85
CA ALA A 150 26.41 -10.04 -14.27
C ALA A 150 26.31 -8.54 -14.41
N THR A 151 27.03 -7.81 -13.55
CA THR A 151 27.01 -6.36 -13.57
C THR A 151 28.43 -5.84 -13.46
N SER A 152 28.78 -4.90 -14.33
CA SER A 152 30.12 -4.31 -14.32
C SER A 152 30.10 -2.92 -14.93
N ASP A 153 31.03 -2.07 -14.52
CA ASP A 153 31.14 -0.74 -15.10
C ASP A 153 31.90 -0.80 -16.41
N THR A 154 32.37 -1.99 -16.78
CA THR A 154 33.06 -2.19 -18.05
C THR A 154 32.62 -3.45 -18.79
N MET A 155 32.74 -3.44 -20.11
CA MET A 155 32.41 -4.62 -20.93
C MET A 155 33.33 -5.80 -20.63
N GLU A 156 34.62 -5.52 -20.43
CA GLU A 156 35.57 -6.59 -20.10
C GLU A 156 35.24 -7.21 -18.75
N GLY A 157 34.86 -6.38 -17.79
CA GLY A 157 34.43 -6.86 -16.50
C GLY A 157 33.15 -7.67 -16.65
N LEU A 158 32.32 -7.25 -17.60
CA LEU A 158 31.08 -7.96 -17.87
C LEU A 158 31.36 -9.33 -18.47
N TYR A 159 32.25 -9.38 -19.46
CA TYR A 159 32.63 -10.65 -20.08
C TYR A 159 33.20 -11.63 -19.05
N GLU A 160 33.95 -11.10 -18.09
CA GLU A 160 34.59 -11.91 -17.06
C GLU A 160 33.53 -12.61 -16.23
N GLN A 161 32.53 -11.86 -15.79
CA GLN A 161 31.45 -12.42 -14.98
C GLN A 161 30.60 -13.39 -15.79
N VAL A 162 30.26 -13.02 -17.02
CA VAL A 162 29.51 -13.91 -17.91
C VAL A 162 30.26 -15.25 -18.11
N ASP A 163 31.54 -15.17 -18.42
CA ASP A 163 32.35 -16.38 -18.61
C ASP A 163 32.29 -17.28 -17.38
N LYS A 164 32.36 -16.68 -16.20
CA LYS A 164 32.29 -17.41 -14.94
C LYS A 164 30.97 -18.16 -14.81
N TYR A 165 29.86 -17.48 -15.06
CA TYR A 165 28.56 -18.13 -14.91
C TYR A 165 28.35 -19.21 -15.96
N LEU A 166 28.83 -18.97 -17.18
CA LEU A 166 28.72 -19.96 -18.25
C LEU A 166 29.44 -21.25 -17.85
N GLU A 167 30.59 -21.08 -17.18
CA GLU A 167 31.38 -22.21 -16.66
C GLU A 167 30.61 -23.04 -15.65
N GLN A 168 29.75 -22.38 -14.88
CA GLN A 168 28.99 -23.06 -13.83
C GLN A 168 27.71 -23.67 -14.38
N GLY A 169 27.45 -23.45 -15.66
CA GLY A 169 26.32 -24.09 -16.32
C GLY A 169 25.03 -23.27 -16.36
N TYR A 170 25.10 -21.98 -16.02
CA TYR A 170 23.92 -21.12 -16.18
C TYR A 170 23.67 -20.90 -17.66
N GLN A 171 22.40 -20.89 -18.06
CA GLN A 171 22.05 -20.63 -19.46
C GLN A 171 21.33 -19.30 -19.62
N HIS A 172 21.14 -18.61 -18.49
CA HIS A 172 20.41 -17.34 -18.45
C HIS A 172 21.19 -16.40 -17.56
N ILE A 173 21.49 -15.20 -18.04
CA ILE A 173 22.26 -14.24 -17.24
C ILE A 173 21.70 -12.85 -17.47
N ARG A 174 21.41 -12.14 -16.38
CA ARG A 174 20.95 -10.77 -16.47
C ARG A 174 22.17 -9.88 -16.49
N CYS A 175 22.32 -9.11 -17.57
CA CYS A 175 23.54 -8.34 -17.81
C CYS A 175 23.26 -6.86 -17.71
N GLN A 176 24.07 -6.14 -16.94
N GLN A 176 24.07 -6.16 -16.92
CA GLN A 176 23.94 -4.70 -16.83
CA GLN A 176 23.98 -4.70 -16.84
C GLN A 176 25.32 -4.07 -17.04
C GLN A 176 25.35 -4.09 -17.07
N LEU A 177 25.49 -3.30 -18.12
CA LEU A 177 26.71 -2.53 -18.35
C LEU A 177 26.49 -1.23 -17.62
N GLY A 178 26.93 -1.20 -16.36
CA GLY A 178 26.27 -0.39 -15.36
C GLY A 178 26.88 0.85 -14.74
N PHE A 179 26.64 0.93 -13.42
CA PHE A 179 26.66 2.16 -12.65
C PHE A 179 25.75 3.26 -13.22
N TYR A 180 24.57 3.36 -12.64
CA TYR A 180 23.67 4.48 -12.91
C TYR A 180 23.21 5.05 -11.58
N GLY A 181 23.89 6.13 -11.16
CA GLY A 181 23.67 6.75 -9.87
C GLY A 181 24.92 7.43 -9.32
N GLY A 182 24.81 7.96 -8.10
CA GLY A 182 25.93 8.61 -7.44
C GLY A 182 26.15 10.06 -7.87
N VAL A 183 27.36 10.56 -7.65
CA VAL A 183 27.70 11.93 -8.08
C VAL A 183 27.58 12.09 -9.59
N PRO A 184 27.16 13.28 -10.04
CA PRO A 184 27.01 13.63 -11.46
C PRO A 184 28.33 13.97 -12.18
N GLU A 185 29.22 12.99 -12.31
CA GLU A 185 30.54 13.21 -12.92
C GLU A 185 30.51 13.80 -14.35
N ASN A 186 30.00 13.02 -15.30
CA ASN A 186 29.96 13.43 -16.70
C ASN A 186 28.55 13.75 -17.16
N ILE A 187 27.82 14.48 -16.33
CA ILE A 187 26.42 14.77 -16.60
C ILE A 187 26.22 16.27 -16.54
N GLN A 188 25.52 16.82 -17.53
CA GLN A 188 25.29 18.25 -17.56
C GLN A 188 24.10 18.61 -16.67
N THR A 189 24.37 18.84 -15.39
CA THR A 189 23.34 19.25 -14.44
C THR A 189 23.24 20.76 -14.42
N ALA A 190 22.31 21.29 -13.63
CA ALA A 190 22.24 22.72 -13.40
C ALA A 190 23.41 23.07 -12.49
N GLN A 191 23.62 24.35 -12.25
CA GLN A 191 24.63 24.78 -11.29
C GLN A 191 24.05 24.47 -9.91
N ASN A 192 24.88 24.00 -9.00
CA ASN A 192 24.42 23.61 -7.66
C ASN A 192 23.28 22.58 -7.67
N PRO A 193 23.55 21.38 -8.23
CA PRO A 193 22.48 20.38 -8.31
C PRO A 193 22.08 19.87 -6.93
N THR A 194 20.79 19.58 -6.75
CA THR A 194 20.30 19.01 -5.49
C THR A 194 20.99 17.67 -5.21
N GLN A 195 21.33 17.42 -3.95
N GLN A 195 21.33 17.42 -3.95
CA GLN A 195 21.96 16.15 -3.57
CA GLN A 195 21.97 16.15 -3.59
C GLN A 195 21.10 14.96 -4.00
C GLN A 195 21.11 14.96 -3.99
N GLY A 196 21.74 13.93 -4.54
CA GLY A 196 21.04 12.74 -4.97
C GLY A 196 21.92 11.81 -5.76
N SER A 197 21.30 10.76 -6.31
CA SER A 197 22.01 9.76 -7.10
C SER A 197 21.70 9.99 -8.59
N TYR A 198 22.62 10.63 -9.31
CA TYR A 198 22.35 11.10 -10.68
C TYR A 198 22.62 10.08 -11.78
N TYR A 199 21.78 10.09 -12.81
CA TYR A 199 22.04 9.29 -14.01
C TYR A 199 21.46 10.00 -15.22
N ASP A 200 21.87 9.58 -16.41
CA ASP A 200 21.42 10.20 -17.65
C ASP A 200 20.72 9.12 -18.48
N GLN A 201 19.44 9.33 -18.78
CA GLN A 201 18.66 8.31 -19.46
C GLN A 201 19.21 7.95 -20.85
N ASP A 202 19.68 8.96 -21.59
CA ASP A 202 20.18 8.73 -22.94
C ASP A 202 21.48 7.94 -22.93
N GLN A 203 22.37 8.26 -21.98
CA GLN A 203 23.60 7.49 -21.81
C GLN A 203 23.28 6.05 -21.44
N TYR A 204 22.34 5.86 -20.52
CA TYR A 204 21.94 4.51 -20.11
C TYR A 204 21.41 3.72 -21.30
N ILE A 205 20.52 4.33 -22.09
CA ILE A 205 20.00 3.64 -23.28
C ILE A 205 21.11 3.29 -24.27
N GLU A 206 21.94 4.27 -24.60
CA GLU A 206 23.05 4.05 -25.53
C GLU A 206 23.96 2.92 -25.06
N ASN A 207 24.36 2.97 -23.79
CA ASN A 207 25.24 1.94 -23.24
C ASN A 207 24.60 0.57 -23.26
N THR A 208 23.30 0.52 -23.00
CA THR A 208 22.60 -0.76 -22.91
C THR A 208 22.42 -1.40 -24.28
N VAL A 209 22.09 -0.60 -25.29
CA VAL A 209 21.98 -1.11 -26.64
C VAL A 209 23.34 -1.63 -27.09
N GLU A 210 24.39 -0.87 -26.82
CA GLU A 210 25.73 -1.30 -27.21
C GLU A 210 26.12 -2.58 -26.47
N MET A 211 25.69 -2.70 -25.22
CA MET A 211 25.95 -3.92 -24.45
C MET A 211 25.36 -5.17 -25.12
N PHE A 212 24.10 -5.10 -25.51
CA PHE A 212 23.45 -6.22 -26.17
C PHE A 212 24.14 -6.55 -27.48
N LYS A 213 24.43 -5.53 -28.27
CA LYS A 213 25.12 -5.71 -29.56
C LYS A 213 26.46 -6.44 -29.35
N ASN A 214 27.27 -5.96 -28.41
CA ASN A 214 28.55 -6.59 -28.09
C ASN A 214 28.39 -8.01 -27.56
N LEU A 215 27.40 -8.23 -26.71
CA LEU A 215 27.17 -9.56 -26.15
C LEU A 215 26.82 -10.57 -27.24
N ARG A 216 25.96 -10.17 -28.18
CA ARG A 216 25.54 -11.06 -29.27
C ARG A 216 26.69 -11.31 -30.25
N GLU A 217 27.52 -10.30 -30.48
CA GLU A 217 28.67 -10.47 -31.36
C GLU A 217 29.66 -11.47 -30.78
N LYS A 218 29.92 -11.34 -29.48
CA LYS A 218 30.85 -12.24 -28.81
C LYS A 218 30.29 -13.63 -28.56
N TYR A 219 29.05 -13.71 -28.05
CA TYR A 219 28.51 -14.98 -27.56
C TYR A 219 27.46 -15.63 -28.46
N GLY A 220 26.93 -14.86 -29.41
CA GLY A 220 25.89 -15.38 -30.29
C GLY A 220 24.69 -15.82 -29.47
N LYS A 221 24.30 -17.08 -29.66
CA LYS A 221 23.13 -17.63 -28.98
C LYS A 221 23.53 -18.61 -27.88
N GLN A 222 24.74 -18.43 -27.34
CA GLN A 222 25.25 -19.32 -26.29
C GLN A 222 24.39 -19.29 -25.02
N PHE A 223 23.87 -18.13 -24.67
CA PHE A 223 23.03 -18.01 -23.47
C PHE A 223 21.91 -16.99 -23.64
N HIS A 224 20.91 -17.07 -22.78
CA HIS A 224 19.81 -16.11 -22.79
C HIS A 224 20.19 -14.88 -22.01
N ILE A 225 20.01 -13.70 -22.63
CA ILE A 225 20.38 -12.44 -22.03
C ILE A 225 19.16 -11.73 -21.46
N LEU A 226 19.22 -11.40 -20.16
CA LEU A 226 18.14 -10.67 -19.51
C LEU A 226 18.66 -9.28 -19.18
N HIS A 227 17.75 -8.31 -19.07
CA HIS A 227 18.17 -6.97 -18.65
C HIS A 227 17.06 -6.29 -17.89
N ASP A 228 17.43 -5.60 -16.81
CA ASP A 228 16.47 -4.90 -15.95
C ASP A 228 16.58 -3.39 -16.15
N VAL A 229 15.58 -2.80 -16.80
CA VAL A 229 15.49 -1.36 -16.99
C VAL A 229 15.23 -0.63 -15.67
N HIS A 230 14.61 -1.34 -14.73
CA HIS A 230 14.44 -0.84 -13.37
C HIS A 230 13.78 0.54 -13.34
N GLU A 231 12.73 0.69 -14.14
CA GLU A 231 11.86 1.87 -14.20
C GLU A 231 12.61 3.20 -14.40
N ARG A 232 13.74 3.14 -15.11
N ARG A 232 13.73 3.14 -15.13
CA ARG A 232 14.60 4.31 -15.29
CA ARG A 232 14.59 4.31 -15.29
C ARG A 232 14.16 5.24 -16.42
C ARG A 232 14.17 5.24 -16.44
N LEU A 233 13.21 4.79 -17.24
CA LEU A 233 12.81 5.53 -18.46
C LEU A 233 11.42 6.17 -18.42
N PHE A 234 11.23 7.22 -19.22
CA PHE A 234 9.90 7.74 -19.48
C PHE A 234 9.24 6.88 -20.56
N PRO A 235 7.90 6.95 -20.69
CA PRO A 235 7.22 6.06 -21.65
C PRO A 235 7.74 6.15 -23.10
N ASN A 236 7.98 7.34 -23.62
CA ASN A 236 8.48 7.45 -24.98
C ASN A 236 9.86 6.83 -25.13
N GLN A 237 10.68 6.91 -24.09
CA GLN A 237 11.99 6.27 -24.12
C GLN A 237 11.85 4.75 -24.05
N ALA A 238 10.89 4.26 -23.28
CA ALA A 238 10.67 2.81 -23.16
C ALA A 238 10.27 2.22 -24.51
N ILE A 239 9.37 2.88 -25.22
CA ILE A 239 8.96 2.36 -26.53
C ILE A 239 10.14 2.39 -27.51
N GLN A 240 10.90 3.47 -27.52
CA GLN A 240 12.09 3.55 -28.37
C GLN A 240 13.08 2.43 -28.03
N PHE A 241 13.31 2.23 -26.74
CA PHE A 241 14.25 1.20 -26.30
C PHE A 241 13.80 -0.19 -26.73
N ALA A 242 12.52 -0.48 -26.59
CA ALA A 242 11.97 -1.77 -27.01
C ALA A 242 12.31 -2.05 -28.49
N LYS A 243 12.14 -1.03 -29.33
N LYS A 243 12.14 -1.03 -29.34
CA LYS A 243 12.43 -1.17 -30.75
CA LYS A 243 12.44 -1.19 -30.76
C LYS A 243 13.92 -1.33 -31.01
C LYS A 243 13.93 -1.31 -31.03
N GLN A 244 14.74 -0.62 -30.23
CA GLN A 244 16.19 -0.68 -30.39
C GLN A 244 16.81 -2.02 -29.98
N ILE A 245 16.27 -2.70 -28.97
CA ILE A 245 16.89 -3.97 -28.58
C ILE A 245 16.15 -5.22 -29.05
N GLU A 246 15.00 -5.02 -29.67
CA GLU A 246 14.15 -6.10 -30.16
C GLU A 246 14.96 -7.14 -30.96
N GLN A 247 15.81 -6.65 -31.85
CA GLN A 247 16.63 -7.52 -32.70
C GLN A 247 17.58 -8.42 -31.92
N TYR A 248 17.90 -8.06 -30.67
CA TYR A 248 18.86 -8.86 -29.90
C TYR A 248 18.19 -9.96 -29.07
N ASN A 249 16.87 -10.06 -29.21
CA ASN A 249 16.06 -11.12 -28.61
C ASN A 249 16.32 -11.40 -27.13
N PRO A 250 16.15 -10.38 -26.27
CA PRO A 250 16.39 -10.65 -24.85
C PRO A 250 15.37 -11.66 -24.30
N PHE A 251 15.80 -12.46 -23.35
CA PHE A 251 14.91 -13.44 -22.73
C PHE A 251 13.75 -12.70 -22.09
N PHE A 252 14.08 -11.62 -21.37
CA PHE A 252 13.09 -10.59 -21.05
C PHE A 252 13.77 -9.26 -20.74
N ILE A 253 13.02 -8.19 -20.99
CA ILE A 253 13.37 -6.86 -20.52
C ILE A 253 12.44 -6.58 -19.35
N GLU A 254 13.03 -6.28 -18.19
CA GLU A 254 12.29 -6.17 -16.95
C GLU A 254 12.02 -4.72 -16.55
N ASP A 255 10.83 -4.44 -16.05
CA ASP A 255 10.48 -3.12 -15.51
C ASP A 255 10.80 -1.97 -16.46
N ILE A 256 10.38 -2.12 -17.71
CA ILE A 256 10.64 -1.11 -18.73
C ILE A 256 9.87 0.19 -18.41
N LEU A 257 8.85 0.07 -17.57
CA LEU A 257 8.07 1.21 -17.07
C LEU A 257 7.78 1.02 -15.58
N PRO A 258 7.49 2.12 -14.87
CA PRO A 258 7.07 2.01 -13.47
C PRO A 258 5.65 1.45 -13.41
N PRO A 259 5.24 0.92 -12.25
CA PRO A 259 3.92 0.29 -12.15
C PRO A 259 2.78 1.22 -12.52
N SER A 260 2.96 2.52 -12.29
CA SER A 260 1.89 3.48 -12.52
C SER A 260 1.68 3.85 -13.99
N GLN A 261 2.53 3.34 -14.87
N GLN A 261 2.53 3.36 -14.88
CA GLN A 261 2.46 3.72 -16.28
CA GLN A 261 2.41 3.73 -16.28
C GLN A 261 2.34 2.53 -17.22
C GLN A 261 2.35 2.53 -17.21
N THR A 262 1.87 1.40 -16.70
CA THR A 262 1.86 0.17 -17.51
C THR A 262 0.82 0.14 -18.64
N GLU A 263 -0.11 1.09 -18.66
CA GLU A 263 -1.00 1.18 -19.82
C GLU A 263 -0.21 1.49 -21.08
N TRP A 264 0.93 2.16 -20.92
CA TRP A 264 1.80 2.48 -22.06
C TRP A 264 2.39 1.23 -22.71
N LEU A 265 2.28 0.08 -22.03
CA LEU A 265 2.75 -1.16 -22.62
C LEU A 265 1.97 -1.59 -23.86
N ASP A 266 0.70 -1.16 -23.99
CA ASP A 266 -0.07 -1.47 -25.19
C ASP A 266 0.62 -0.97 -26.46
N ASN A 267 1.20 0.23 -26.40
CA ASN A 267 1.93 0.79 -27.54
C ASN A 267 3.10 -0.12 -27.96
N ILE A 268 3.79 -0.66 -26.95
CA ILE A 268 4.90 -1.56 -27.21
C ILE A 268 4.40 -2.90 -27.76
N ARG A 269 3.35 -3.44 -27.15
CA ARG A 269 2.81 -4.73 -27.59
C ARG A 269 2.31 -4.67 -29.02
N ASN A 270 1.85 -3.50 -29.45
CA ASN A 270 1.30 -3.33 -30.79
C ASN A 270 2.36 -3.30 -31.89
N GLN A 271 3.63 -3.09 -31.51
CA GLN A 271 4.63 -2.89 -32.55
C GLN A 271 5.97 -3.58 -32.32
N SER A 272 6.13 -4.24 -31.18
CA SER A 272 7.39 -4.92 -30.89
C SER A 272 7.16 -6.33 -30.37
N SER A 273 8.09 -7.23 -30.68
CA SER A 273 7.99 -8.60 -30.23
C SER A 273 8.78 -8.82 -28.94
N VAL A 274 9.31 -7.74 -28.37
CA VAL A 274 10.18 -7.88 -27.20
C VAL A 274 9.45 -8.56 -26.02
N SER A 275 10.15 -9.49 -25.36
N SER A 275 10.14 -9.48 -25.37
CA SER A 275 9.62 -10.18 -24.18
CA SER A 275 9.61 -10.15 -24.18
C SER A 275 9.73 -9.27 -22.95
C SER A 275 9.71 -9.22 -22.97
N LEU A 276 8.63 -9.12 -22.21
CA LEU A 276 8.57 -8.17 -21.08
C LEU A 276 8.30 -8.87 -19.77
N ALA A 277 8.97 -8.40 -18.71
CA ALA A 277 8.72 -8.88 -17.35
C ALA A 277 8.46 -7.65 -16.48
N LEU A 278 7.56 -7.77 -15.50
CA LEU A 278 7.31 -6.63 -14.64
C LEU A 278 6.62 -7.06 -13.37
N GLY A 279 6.83 -6.32 -12.29
CA GLY A 279 5.97 -6.48 -11.14
C GLY A 279 6.62 -6.68 -9.79
N GLU A 280 7.94 -6.56 -9.69
CA GLU A 280 8.57 -6.77 -8.40
C GLU A 280 8.09 -5.72 -7.38
N LEU A 281 7.67 -4.55 -7.87
CA LEU A 281 7.18 -3.47 -7.02
C LEU A 281 5.76 -3.66 -6.49
N PHE A 282 5.01 -4.59 -7.08
CA PHE A 282 3.56 -4.68 -6.80
C PHE A 282 3.25 -5.07 -5.35
N ASN A 283 2.32 -4.33 -4.73
CA ASN A 283 1.76 -4.76 -3.46
C ASN A 283 0.26 -4.50 -3.34
N ASN A 284 -0.40 -4.30 -4.48
CA ASN A 284 -1.84 -4.09 -4.52
C ASN A 284 -2.36 -4.79 -5.77
N PRO A 285 -3.39 -5.65 -5.64
CA PRO A 285 -3.90 -6.40 -6.80
C PRO A 285 -4.31 -5.51 -7.98
N GLU A 286 -4.72 -4.27 -7.73
CA GLU A 286 -5.10 -3.37 -8.83
C GLU A 286 -3.91 -3.09 -9.75
N GLU A 287 -2.69 -3.32 -9.26
CA GLU A 287 -1.50 -3.08 -10.06
C GLU A 287 -1.28 -4.16 -11.13
N TRP A 288 -1.76 -5.38 -10.85
CA TRP A 288 -1.50 -6.50 -11.76
C TRP A 288 -2.72 -7.00 -12.57
N LYS A 289 -3.93 -6.70 -12.13
CA LYS A 289 -5.09 -7.31 -12.78
C LYS A 289 -5.25 -6.88 -14.24
N ALA A 290 -5.32 -5.57 -14.48
CA ALA A 290 -5.44 -5.10 -15.86
C ALA A 290 -4.22 -5.50 -16.67
N LEU A 291 -3.06 -5.50 -16.01
CA LEU A 291 -1.79 -5.85 -16.66
C LEU A 291 -1.84 -7.25 -17.29
N ILE A 292 -2.34 -8.21 -16.52
CA ILE A 292 -2.39 -9.61 -16.95
C ILE A 292 -3.57 -9.87 -17.89
N ILE A 293 -4.74 -9.32 -17.55
CA ILE A 293 -5.94 -9.47 -18.37
C ILE A 293 -5.67 -8.99 -19.81
N ASN A 294 -4.89 -7.92 -19.93
CA ASN A 294 -4.56 -7.36 -21.24
C ASN A 294 -3.26 -7.89 -21.83
N ARG A 295 -2.72 -8.94 -21.19
CA ARG A 295 -1.52 -9.59 -21.68
C ARG A 295 -0.38 -8.62 -21.96
N ARG A 296 -0.18 -7.69 -21.04
CA ARG A 296 0.81 -6.64 -21.23
C ARG A 296 2.22 -7.06 -20.89
N VAL A 297 2.36 -8.18 -20.16
CA VAL A 297 3.69 -8.74 -19.91
C VAL A 297 3.71 -10.24 -20.15
N ASP A 298 4.91 -10.78 -20.28
CA ASP A 298 5.08 -12.19 -20.54
C ASP A 298 5.42 -12.93 -19.26
N PHE A 299 6.03 -12.21 -18.32
CA PHE A 299 6.43 -12.77 -17.03
C PHE A 299 6.03 -11.83 -15.92
N ILE A 300 5.38 -12.37 -14.89
CA ILE A 300 5.08 -11.58 -13.71
C ILE A 300 6.24 -11.75 -12.72
N ARG A 301 6.65 -10.65 -12.08
CA ARG A 301 7.88 -10.64 -11.27
C ARG A 301 7.65 -10.32 -9.80
N CYS A 302 6.44 -10.53 -9.30
CA CYS A 302 6.12 -10.11 -7.94
C CYS A 302 7.06 -10.67 -6.89
N HIS A 303 7.28 -9.86 -5.86
CA HIS A 303 8.02 -10.26 -4.68
C HIS A 303 6.99 -10.91 -3.77
N VAL A 304 7.14 -12.20 -3.49
CA VAL A 304 6.09 -12.94 -2.79
C VAL A 304 5.68 -12.29 -1.46
N SER A 305 6.65 -11.82 -0.68
CA SER A 305 6.30 -11.19 0.59
C SER A 305 5.60 -9.84 0.44
N GLN A 306 5.82 -9.17 -0.70
CA GLN A 306 5.17 -7.89 -0.94
C GLN A 306 3.68 -8.06 -1.26
N ILE A 307 3.29 -9.24 -1.76
CA ILE A 307 1.88 -9.47 -2.07
C ILE A 307 1.15 -10.21 -0.97
N GLY A 308 1.86 -10.54 0.11
CA GLY A 308 1.20 -11.09 1.28
C GLY A 308 1.45 -12.57 1.52
N GLY A 309 2.38 -13.16 0.78
CA GLY A 309 2.80 -14.52 1.11
C GLY A 309 2.45 -15.61 0.12
N ILE A 310 2.52 -16.86 0.60
CA ILE A 310 2.25 -18.03 -0.23
C ILE A 310 0.81 -18.09 -0.68
N THR A 311 -0.10 -17.82 0.24
CA THR A 311 -1.53 -17.89 -0.05
C THR A 311 -1.92 -17.07 -1.29
N PRO A 312 -1.55 -15.78 -1.35
CA PRO A 312 -1.91 -15.06 -2.59
C PRO A 312 -1.01 -15.39 -3.78
N ALA A 313 0.21 -15.86 -3.52
CA ALA A 313 1.10 -16.22 -4.62
C ALA A 313 0.52 -17.40 -5.40
N LEU A 314 -0.07 -18.37 -4.71
CA LEU A 314 -0.73 -19.48 -5.39
C LEU A 314 -1.87 -18.97 -6.28
N LYS A 315 -2.75 -18.15 -5.73
CA LYS A 315 -3.86 -17.59 -6.50
C LYS A 315 -3.39 -16.79 -7.72
N LEU A 316 -2.37 -15.96 -7.52
CA LEU A 316 -1.84 -15.15 -8.62
C LEU A 316 -1.22 -16.03 -9.69
N GLY A 317 -0.55 -17.10 -9.29
CA GLY A 317 0.02 -18.02 -10.28
C GLY A 317 -1.07 -18.66 -11.11
N HIS A 318 -2.13 -19.11 -10.46
CA HIS A 318 -3.28 -19.67 -11.17
C HIS A 318 -3.95 -18.63 -12.09
N PHE A 319 -4.08 -17.41 -11.61
CA PHE A 319 -4.68 -16.34 -12.39
C PHE A 319 -3.88 -16.12 -13.67
N CYS A 320 -2.56 -16.02 -13.52
CA CYS A 320 -1.67 -15.84 -14.65
C CYS A 320 -1.77 -16.97 -15.65
N GLU A 321 -1.89 -18.20 -15.16
CA GLU A 321 -1.93 -19.37 -16.04
C GLU A 321 -3.11 -19.31 -17.01
N SER A 322 -4.25 -18.80 -16.54
CA SER A 322 -5.42 -18.70 -17.39
C SER A 322 -5.16 -17.79 -18.58
N PHE A 323 -4.32 -16.76 -18.36
CA PHE A 323 -4.05 -15.78 -19.40
C PHE A 323 -2.75 -16.07 -20.17
N GLY A 324 -2.07 -17.16 -19.82
CA GLY A 324 -0.84 -17.54 -20.48
C GLY A 324 0.38 -16.72 -20.08
N VAL A 325 0.31 -16.09 -18.91
CA VAL A 325 1.44 -15.33 -18.37
C VAL A 325 2.25 -16.25 -17.47
N ARG A 326 3.58 -16.17 -17.57
CA ARG A 326 4.45 -17.04 -16.78
C ARG A 326 5.04 -16.33 -15.58
N ILE A 327 5.68 -17.08 -14.70
CA ILE A 327 6.06 -16.52 -13.40
C ILE A 327 7.57 -16.49 -13.22
N ALA A 328 8.08 -15.34 -12.80
CA ALA A 328 9.47 -15.24 -12.39
C ALA A 328 9.54 -14.40 -11.11
N TRP A 329 9.21 -15.00 -9.97
CA TRP A 329 9.17 -14.24 -8.73
C TRP A 329 10.48 -13.50 -8.46
N HIS A 330 10.39 -12.30 -7.91
CA HIS A 330 11.57 -11.52 -7.52
C HIS A 330 12.35 -12.25 -6.43
N CYS A 331 13.63 -12.53 -6.69
CA CYS A 331 14.48 -13.22 -5.72
C CYS A 331 15.80 -12.50 -5.52
N PRO A 332 15.75 -11.31 -4.89
CA PRO A 332 16.96 -10.50 -4.74
C PRO A 332 17.74 -10.93 -3.50
N PRO A 333 18.93 -10.37 -3.27
CA PRO A 333 19.67 -10.67 -2.04
C PRO A 333 18.92 -10.17 -0.81
N ASP A 334 18.10 -9.13 -0.98
CA ASP A 334 17.27 -8.65 0.14
C ASP A 334 16.00 -9.47 0.33
N MET A 335 16.20 -10.72 0.74
CA MET A 335 15.15 -11.68 1.00
C MET A 335 15.84 -12.79 1.78
N THR A 336 15.17 -13.43 2.72
CA THR A 336 15.84 -14.53 3.45
C THR A 336 15.94 -15.75 2.56
N PRO A 337 16.93 -16.63 2.82
CA PRO A 337 16.99 -17.94 2.17
C PRO A 337 15.73 -18.75 2.43
N ILE A 338 15.01 -18.44 3.50
CA ILE A 338 13.70 -19.01 3.73
C ILE A 338 12.77 -18.59 2.60
N GLY A 339 12.76 -17.30 2.29
CA GLY A 339 11.98 -16.80 1.16
C GLY A 339 12.37 -17.48 -0.14
N ALA A 340 13.66 -17.69 -0.34
CA ALA A 340 14.13 -18.34 -1.56
C ALA A 340 13.63 -19.78 -1.66
N ALA A 341 13.71 -20.51 -0.56
CA ALA A 341 13.26 -21.91 -0.55
C ALA A 341 11.77 -21.96 -0.87
N VAL A 342 11.02 -21.04 -0.28
CA VAL A 342 9.57 -20.95 -0.55
C VAL A 342 9.32 -20.73 -2.04
N ASN A 343 10.07 -19.81 -2.64
CA ASN A 343 9.93 -19.59 -4.07
C ASN A 343 10.26 -20.82 -4.91
N THR A 344 11.26 -21.59 -4.49
CA THR A 344 11.58 -22.79 -5.24
C THR A 344 10.46 -23.83 -5.11
N HIS A 345 9.83 -23.91 -3.94
CA HIS A 345 8.68 -24.79 -3.79
C HIS A 345 7.55 -24.34 -4.72
N LEU A 346 7.29 -23.03 -4.75
CA LEU A 346 6.26 -22.49 -5.64
C LEU A 346 6.63 -22.76 -7.10
N ASN A 347 7.92 -22.65 -7.40
CA ASN A 347 8.41 -22.79 -8.76
C ASN A 347 8.41 -24.21 -9.31
N VAL A 348 8.62 -25.21 -8.48
CA VAL A 348 8.52 -26.58 -8.98
C VAL A 348 7.08 -27.04 -9.05
N HIS A 349 6.19 -26.34 -8.35
CA HIS A 349 4.78 -26.75 -8.33
C HIS A 349 3.96 -26.09 -9.43
N LEU A 350 3.99 -24.75 -9.49
CA LEU A 350 3.11 -24.03 -10.43
C LEU A 350 3.55 -24.27 -11.87
N HIS A 351 2.64 -24.76 -12.70
CA HIS A 351 2.99 -25.18 -14.04
C HIS A 351 3.52 -24.02 -14.89
N ASN A 352 3.09 -22.80 -14.59
CA ASN A 352 3.53 -21.64 -15.38
C ASN A 352 4.73 -20.90 -14.80
N ALA A 353 5.40 -21.47 -13.79
CA ALA A 353 6.65 -20.91 -13.29
C ALA A 353 7.72 -21.08 -14.38
N ALA A 354 8.54 -20.05 -14.59
CA ALA A 354 9.51 -20.11 -15.69
C ALA A 354 10.96 -20.16 -15.25
N ILE A 355 11.34 -19.31 -14.31
CA ILE A 355 12.76 -19.17 -14.00
C ILE A 355 12.91 -18.57 -12.62
N GLN A 356 13.99 -18.91 -11.92
CA GLN A 356 14.23 -18.33 -10.61
C GLN A 356 15.52 -17.53 -10.63
N GLU A 357 15.40 -16.26 -10.28
CA GLU A 357 16.53 -15.38 -10.06
C GLU A 357 17.36 -15.91 -8.89
N HIS A 358 18.67 -15.81 -8.97
CA HIS A 358 19.48 -16.24 -7.82
C HIS A 358 20.76 -15.45 -7.69
N VAL A 359 21.05 -15.02 -6.47
CA VAL A 359 22.38 -14.49 -6.15
C VAL A 359 23.03 -15.32 -5.04
N GLU A 360 24.29 -15.70 -5.24
CA GLU A 360 25.01 -16.59 -4.33
C GLU A 360 24.98 -16.10 -2.88
N TYR A 361 24.76 -17.03 -1.93
CA TYR A 361 24.75 -16.69 -0.51
C TYR A 361 26.17 -16.61 0.08
N LYS A 362 26.40 -15.60 0.91
CA LYS A 362 27.71 -15.45 1.58
C LYS A 362 27.76 -16.23 2.88
N ALA A 363 28.96 -16.40 3.43
CA ALA A 363 29.17 -17.24 4.62
C ALA A 363 28.31 -16.90 5.85
N ASN A 364 28.23 -15.62 6.19
CA ASN A 364 27.45 -15.23 7.35
C ASN A 364 25.98 -15.57 7.17
N THR A 365 25.47 -15.35 5.97
CA THR A 365 24.07 -15.60 5.66
C THR A 365 23.78 -17.10 5.76
N GLN A 366 24.71 -17.92 5.28
CA GLN A 366 24.57 -19.36 5.33
C GLN A 366 24.61 -19.87 6.76
N ARG A 367 25.29 -19.14 7.63
CA ARG A 367 25.36 -19.53 9.03
C ARG A 367 24.05 -19.24 9.75
N VAL A 368 23.43 -18.10 9.44
CA VAL A 368 22.16 -17.74 10.07
C VAL A 368 21.03 -18.59 9.51
N PHE A 369 21.14 -18.99 8.24
CA PHE A 369 20.10 -19.78 7.59
C PHE A 369 20.70 -21.03 6.97
N PRO A 370 20.88 -22.09 7.77
CA PRO A 370 21.57 -23.29 7.30
C PRO A 370 20.80 -24.05 6.20
N ASN A 371 21.54 -24.75 5.35
CA ASN A 371 20.97 -25.61 4.31
C ASN A 371 20.25 -24.87 3.18
N ALA A 372 20.57 -23.59 3.01
CA ALA A 372 20.06 -22.83 1.87
C ALA A 372 20.57 -23.43 0.56
N ALA A 373 19.67 -23.73 -0.36
CA ALA A 373 20.04 -24.39 -1.60
C ALA A 373 20.77 -23.45 -2.53
N GLU A 374 21.76 -23.98 -3.25
CA GLU A 374 22.43 -23.23 -4.30
C GLU A 374 22.16 -23.96 -5.62
N PRO A 375 22.23 -23.25 -6.74
CA PRO A 375 21.93 -23.87 -8.03
C PRO A 375 22.96 -24.95 -8.37
N ILE A 376 22.54 -25.98 -9.09
CA ILE A 376 23.45 -27.00 -9.62
C ILE A 376 23.23 -27.07 -11.11
N ASN A 377 24.26 -26.77 -11.89
CA ASN A 377 24.17 -26.77 -13.35
C ASN A 377 22.96 -25.97 -13.87
N GLY A 378 22.73 -24.80 -13.29
CA GLY A 378 21.70 -23.91 -13.82
C GLY A 378 20.30 -24.26 -13.35
N TYR A 379 20.20 -25.12 -12.34
CA TYR A 379 18.90 -25.48 -11.78
C TYR A 379 18.86 -25.34 -10.26
N LEU A 380 17.72 -24.90 -9.73
CA LEU A 380 17.50 -24.94 -8.28
C LEU A 380 16.52 -26.06 -7.99
N TYR A 381 16.85 -26.86 -6.99
CA TYR A 381 16.03 -28.01 -6.58
C TYR A 381 15.28 -27.69 -5.30
N ALA A 382 14.00 -28.07 -5.27
CA ALA A 382 13.19 -27.85 -4.10
C ALA A 382 13.69 -28.73 -2.96
N SER A 383 13.57 -28.22 -1.75
CA SER A 383 13.87 -29.00 -0.55
C SER A 383 12.95 -30.22 -0.48
N GLU A 384 13.46 -31.33 0.07
CA GLU A 384 12.70 -32.58 0.11
C GLU A 384 12.44 -33.07 1.55
N ILE A 385 12.88 -32.31 2.54
CA ILE A 385 12.57 -32.65 3.94
C ILE A 385 11.21 -32.02 4.28
N ALA A 386 10.71 -32.27 5.49
CA ALA A 386 9.39 -31.73 5.83
C ALA A 386 9.47 -30.22 6.01
N GLY A 387 8.41 -29.53 5.58
CA GLY A 387 8.32 -28.10 5.78
C GLY A 387 8.91 -27.32 4.62
N ILE A 388 9.27 -26.08 4.88
CA ILE A 388 9.95 -25.27 3.87
C ILE A 388 11.35 -25.84 3.62
N GLY A 389 12.02 -26.28 4.69
CA GLY A 389 13.32 -26.92 4.57
C GLY A 389 14.51 -26.07 4.99
N VAL A 390 14.23 -24.80 5.26
CA VAL A 390 15.23 -23.85 5.72
C VAL A 390 14.66 -23.08 6.91
N GLU A 391 15.42 -22.99 7.98
CA GLU A 391 15.00 -22.25 9.16
C GLU A 391 16.05 -21.20 9.49
N MET A 392 15.82 -20.45 10.56
N MET A 392 15.80 -20.43 10.54
CA MET A 392 16.81 -19.49 11.02
CA MET A 392 16.77 -19.45 11.06
C MET A 392 17.41 -19.97 12.33
C MET A 392 17.41 -19.99 12.34
N ASP A 393 18.72 -19.86 12.45
CA ASP A 393 19.43 -20.22 13.68
C ASP A 393 19.34 -18.97 14.55
N ARG A 394 18.55 -19.03 15.61
CA ARG A 394 18.27 -17.85 16.44
C ARG A 394 19.56 -17.29 17.08
N GLU A 395 20.40 -18.16 17.60
CA GLU A 395 21.63 -17.71 18.23
C GLU A 395 22.56 -17.03 17.23
N ALA A 396 22.69 -17.62 16.05
CA ALA A 396 23.49 -17.01 15.00
C ALA A 396 22.95 -15.65 14.56
N ALA A 397 21.63 -15.54 14.42
CA ALA A 397 21.02 -14.27 14.00
C ALA A 397 21.36 -13.13 14.97
N GLN A 398 21.48 -13.46 16.26
CA GLN A 398 21.79 -12.45 17.27
C GLN A 398 23.17 -11.83 17.09
N ASP A 399 24.06 -12.54 16.42
CA ASP A 399 25.40 -12.02 16.12
C ASP A 399 25.34 -10.88 15.10
N PHE A 400 24.21 -10.76 14.42
CA PHE A 400 24.07 -9.75 13.38
C PHE A 400 22.79 -8.94 13.53
N PRO A 401 22.77 -8.00 14.49
CA PRO A 401 21.57 -7.17 14.68
C PRO A 401 21.33 -6.20 13.52
N VAL A 402 20.13 -5.65 13.47
CA VAL A 402 19.76 -4.64 12.47
C VAL A 402 20.76 -3.49 12.46
N GLU A 403 21.04 -2.95 11.27
CA GLU A 403 21.91 -1.80 11.13
C GLU A 403 21.28 -0.86 10.11
N TYR A 404 21.07 0.39 10.49
CA TYR A 404 20.45 1.36 9.59
C TYR A 404 21.24 1.51 8.30
N ARG A 405 20.53 1.56 7.18
CA ARG A 405 21.12 1.89 5.87
C ARG A 405 20.17 2.89 5.20
N PRO A 406 20.70 3.97 4.63
CA PRO A 406 19.81 4.97 4.03
C PRO A 406 19.35 4.60 2.61
N HIS A 407 20.07 3.69 1.94
CA HIS A 407 19.76 3.30 0.56
C HIS A 407 19.70 4.52 -0.34
N GLU A 408 20.82 5.23 -0.44
CA GLU A 408 20.85 6.53 -1.12
C GLU A 408 20.48 6.46 -2.59
N TRP A 409 20.64 5.29 -3.22
CA TRP A 409 20.30 5.12 -4.63
C TRP A 409 18.83 5.42 -4.92
N THR A 410 17.98 5.36 -3.89
CA THR A 410 16.55 5.61 -4.12
C THR A 410 16.23 7.09 -4.31
N GLN A 411 17.19 7.96 -3.98
CA GLN A 411 17.03 9.39 -4.27
C GLN A 411 17.58 9.62 -5.69
N SER A 412 16.96 8.94 -6.65
N SER A 412 17.01 8.92 -6.65
CA SER A 412 17.42 8.95 -8.04
CA SER A 412 17.55 8.95 -8.00
C SER A 412 17.03 10.23 -8.75
C SER A 412 17.07 10.20 -8.74
N ARG A 413 18.01 10.89 -9.36
CA ARG A 413 17.73 12.16 -10.02
C ARG A 413 18.25 12.20 -11.45
N LEU A 414 17.48 12.86 -12.31
CA LEU A 414 17.86 13.13 -13.69
C LEU A 414 18.75 14.37 -13.72
N PRO A 415 19.40 14.66 -14.87
CA PRO A 415 20.37 15.77 -14.85
C PRO A 415 19.81 17.12 -14.38
N ASP A 416 18.53 17.40 -14.62
CA ASP A 416 17.96 18.68 -14.20
C ASP A 416 17.63 18.71 -12.71
N GLY A 417 17.91 17.62 -12.00
CA GLY A 417 17.71 17.59 -10.56
C GLY A 417 16.38 17.02 -10.11
N SER A 418 15.56 16.58 -11.05
CA SER A 418 14.24 16.05 -10.67
C SER A 418 14.30 14.56 -10.28
N ILE A 419 13.45 14.17 -9.35
CA ILE A 419 13.32 12.77 -8.95
C ILE A 419 12.75 11.93 -10.10
N HIS A 420 13.30 10.75 -10.32
CA HIS A 420 12.65 9.77 -11.18
C HIS A 420 12.46 8.51 -10.37
N THR A 421 11.49 7.67 -10.74
CA THR A 421 11.27 6.41 -10.04
C THR A 421 12.56 5.61 -10.07
N PRO A 422 13.00 5.13 -8.91
CA PRO A 422 14.35 4.56 -8.78
C PRO A 422 14.47 3.10 -9.18
N LEU B 18 21.88 33.83 -8.31
CA LEU B 18 20.51 33.38 -8.08
C LEU B 18 20.45 32.32 -6.99
N TYR B 19 21.55 31.59 -6.80
CA TYR B 19 21.57 30.54 -5.80
C TYR B 19 21.74 31.08 -4.38
N PHE B 20 22.39 32.24 -4.26
CA PHE B 20 22.48 32.92 -2.97
C PHE B 20 21.07 33.27 -2.48
N GLN B 21 20.32 33.96 -3.33
CA GLN B 21 18.97 34.41 -3.01
C GLN B 21 18.07 33.26 -2.57
N SER B 22 18.07 32.19 -3.35
CA SER B 22 17.36 30.97 -3.00
C SER B 22 17.81 30.51 -1.61
N MET B 23 19.12 30.36 -1.44
CA MET B 23 19.72 29.98 -0.15
C MET B 23 19.48 31.02 0.94
N MET B 24 19.46 32.29 0.56
CA MET B 24 19.12 33.37 1.50
C MET B 24 17.71 33.14 2.04
N ASN B 25 16.92 32.38 1.30
CA ASN B 25 15.53 32.11 1.66
C ASN B 25 15.21 30.63 1.91
N LYS B 26 16.21 29.75 1.76
CA LYS B 26 16.01 28.33 2.07
C LYS B 26 15.55 28.16 3.51
N ASN B 27 14.82 27.10 3.78
CA ASN B 27 14.33 26.88 5.11
C ASN B 27 14.61 25.46 5.60
N THR B 28 15.75 25.29 6.26
CA THR B 28 16.28 23.96 6.58
C THR B 28 15.50 23.26 7.68
N ILE B 29 15.16 21.99 7.43
CA ILE B 29 14.43 21.20 8.43
C ILE B 29 15.39 20.84 9.55
N SER B 30 14.99 21.15 10.79
CA SER B 30 15.88 20.92 11.92
C SER B 30 15.44 19.76 12.79
N ASN B 31 14.13 19.45 12.74
CA ASN B 31 13.62 18.32 13.51
C ASN B 31 12.33 17.74 12.95
N ILE B 32 12.12 16.44 13.17
CA ILE B 32 10.89 15.76 12.80
C ILE B 32 10.45 14.94 14.00
N GLU B 33 9.20 15.09 14.45
CA GLU B 33 8.71 14.30 15.57
C GLU B 33 7.35 13.76 15.22
N CYS B 34 6.95 12.70 15.92
CA CYS B 34 5.65 12.11 15.69
C CYS B 34 5.04 11.75 17.04
N VAL B 35 3.86 12.31 17.31
CA VAL B 35 3.18 12.09 18.59
C VAL B 35 1.85 11.36 18.39
N ILE B 36 1.69 10.23 19.07
CA ILE B 36 0.38 9.59 19.14
C ILE B 36 -0.32 10.05 20.40
N THR B 37 -1.58 10.45 20.26
CA THR B 37 -2.35 10.88 21.43
C THR B 37 -3.75 10.31 21.33
N LYS B 38 -4.32 9.95 22.46
CA LYS B 38 -5.67 9.39 22.47
C LYS B 38 -6.53 10.16 23.49
N PRO B 39 -6.89 11.41 23.16
CA PRO B 39 -7.67 12.21 24.10
C PRO B 39 -9.05 11.62 24.36
N ASP B 40 -9.65 11.02 23.32
CA ASP B 40 -10.96 10.41 23.48
C ASP B 40 -11.01 8.98 22.98
N ARG B 41 -11.78 8.72 21.93
CA ARG B 41 -12.01 7.33 21.53
C ARG B 41 -10.94 6.73 20.62
N HIS B 42 -10.16 7.59 19.96
CA HIS B 42 -9.27 7.11 18.90
C HIS B 42 -7.82 7.53 19.09
N ASN B 43 -6.90 6.63 18.78
CA ASN B 43 -5.49 6.99 18.66
C ASN B 43 -5.28 7.90 17.46
N LEU B 44 -4.80 9.12 17.72
CA LEU B 44 -4.59 10.14 16.70
C LEU B 44 -3.10 10.37 16.52
N ILE B 45 -2.66 10.68 15.31
CA ILE B 45 -1.22 10.80 15.04
C ILE B 45 -0.87 12.12 14.39
N THR B 46 0.02 12.87 15.03
CA THR B 46 0.46 14.18 14.54
C THR B 46 1.94 14.16 14.23
N VAL B 47 2.34 14.76 13.11
CA VAL B 47 3.75 14.92 12.79
C VAL B 47 4.08 16.39 12.95
N ILE B 48 5.23 16.68 13.55
CA ILE B 48 5.64 18.07 13.78
C ILE B 48 6.98 18.25 13.12
N VAL B 49 7.10 19.29 12.30
CA VAL B 49 8.33 19.58 11.58
C VAL B 49 8.84 20.92 12.04
N GLU B 50 10.09 20.97 12.51
CA GLU B 50 10.70 22.22 12.95
C GLU B 50 11.72 22.67 11.91
N THR B 51 11.90 23.97 11.76
CA THR B 51 12.85 24.50 10.79
C THR B 51 13.80 25.51 11.41
N GLU B 52 14.94 25.73 10.77
CA GLU B 52 15.94 26.69 11.25
C GLU B 52 15.37 28.10 11.38
N SER B 53 14.36 28.41 10.58
CA SER B 53 13.71 29.70 10.63
C SER B 53 12.86 29.88 11.88
N GLY B 54 12.69 28.79 12.64
CA GLY B 54 11.85 28.83 13.84
C GLY B 54 10.38 28.65 13.56
N VAL B 55 10.03 28.43 12.30
CA VAL B 55 8.65 28.15 11.94
C VAL B 55 8.38 26.64 12.05
N THR B 56 7.35 26.29 12.80
CA THR B 56 7.00 24.89 13.10
C THR B 56 5.71 24.52 12.39
N GLY B 57 5.71 23.37 11.72
CA GLY B 57 4.51 22.89 11.04
C GLY B 57 3.93 21.65 11.69
N TYR B 58 2.62 21.46 11.52
CA TYR B 58 1.89 20.33 12.10
C TYR B 58 1.14 19.62 10.98
N GLY B 59 1.10 18.29 11.05
CA GLY B 59 0.43 17.52 10.01
C GLY B 59 -0.30 16.32 10.58
N CYS B 60 -1.29 15.81 9.85
CA CYS B 60 -2.00 14.60 10.27
C CYS B 60 -1.44 13.36 9.60
N ALA B 61 -1.18 12.34 10.41
CA ALA B 61 -0.68 11.06 9.93
C ALA B 61 -1.54 9.92 10.47
N THR B 62 -2.82 10.20 10.73
CA THR B 62 -3.64 9.26 11.49
C THR B 62 -4.14 8.04 10.71
N PHE B 63 -3.54 6.89 11.03
CA PHE B 63 -4.00 5.55 10.62
C PHE B 63 -4.27 4.90 11.97
N GLN B 64 -5.50 5.03 12.46
CA GLN B 64 -5.78 4.73 13.88
C GLN B 64 -5.55 3.28 14.28
N GLN B 65 -5.66 2.36 13.32
CA GLN B 65 -5.53 0.93 13.62
C GLN B 65 -4.09 0.47 13.84
N ARG B 66 -3.12 1.22 13.33
CA ARG B 66 -1.71 0.80 13.41
C ARG B 66 -0.78 1.96 13.77
N PRO B 67 -1.08 2.69 14.85
CA PRO B 67 -0.36 3.95 15.04
C PRO B 67 1.12 3.78 15.33
N LEU B 68 1.51 2.72 16.04
CA LEU B 68 2.93 2.56 16.34
C LEU B 68 3.74 2.32 15.08
N ALA B 69 3.12 1.72 14.08
CA ALA B 69 3.82 1.45 12.82
C ALA B 69 4.10 2.77 12.09
N VAL B 70 3.14 3.69 12.14
CA VAL B 70 3.32 5.00 11.52
C VAL B 70 4.40 5.77 12.27
N LYS B 71 4.37 5.73 13.61
CA LYS B 71 5.39 6.42 14.39
C LYS B 71 6.80 5.87 14.15
N THR B 72 6.92 4.55 14.04
CA THR B 72 8.22 3.93 13.71
C THR B 72 8.68 4.44 12.35
N MET B 73 7.76 4.52 11.40
CA MET B 73 8.11 4.97 10.06
C MET B 73 8.65 6.41 10.08
N VAL B 74 7.98 7.29 10.83
CA VAL B 74 8.43 8.68 10.92
C VAL B 74 9.76 8.79 11.66
N ASP B 75 9.82 8.22 12.87
CA ASP B 75 10.99 8.36 13.74
C ASP B 75 12.25 7.72 13.20
N GLU B 76 12.13 6.51 12.68
CA GLU B 76 13.31 5.73 12.29
C GLU B 76 13.74 5.95 10.86
N TYR B 77 12.84 6.46 10.02
CA TYR B 77 13.16 6.56 8.60
C TYR B 77 12.96 7.96 7.98
N LEU B 78 11.79 8.57 8.16
CA LEU B 78 11.59 9.90 7.58
C LEU B 78 12.45 10.96 8.28
N LYS B 79 12.66 10.84 9.59
CA LYS B 79 13.47 11.84 10.28
C LYS B 79 14.92 11.92 9.76
N PRO B 80 15.66 10.79 9.73
CA PRO B 80 17.03 10.95 9.23
C PRO B 80 17.11 11.30 7.74
N LEU B 81 16.07 10.98 6.98
CA LEU B 81 16.03 11.35 5.56
C LEU B 81 15.87 12.87 5.38
N LEU B 82 15.07 13.48 6.24
CA LEU B 82 14.64 14.86 6.04
C LEU B 82 15.47 15.94 6.74
N ILE B 83 16.03 15.64 7.91
CA ILE B 83 16.82 16.64 8.63
C ILE B 83 17.89 17.21 7.72
N GLY B 84 17.93 18.54 7.59
CA GLY B 84 18.94 19.18 6.76
C GLY B 84 18.47 19.59 5.38
N LYS B 85 17.30 19.10 4.97
CA LYS B 85 16.78 19.42 3.65
C LYS B 85 15.91 20.68 3.69
N ASP B 86 15.75 21.33 2.54
CA ASP B 86 15.04 22.61 2.44
C ASP B 86 13.54 22.39 2.39
N ALA B 87 12.84 22.83 3.44
CA ALA B 87 11.40 22.64 3.54
C ALA B 87 10.60 23.38 2.45
N ASN B 88 11.21 24.38 1.82
CA ASN B 88 10.49 25.16 0.80
C ASN B 88 10.01 24.29 -0.36
N ASN B 89 10.82 23.30 -0.72
CA ASN B 89 10.54 22.53 -1.92
C ASN B 89 9.65 21.35 -1.63
N ILE B 90 8.39 21.66 -1.32
CA ILE B 90 7.43 20.63 -0.91
C ILE B 90 7.30 19.58 -2.01
N GLU B 91 7.23 20.02 -3.26
CA GLU B 91 6.98 19.07 -4.35
C GLU B 91 8.13 18.08 -4.50
N ASP B 92 9.38 18.55 -4.48
CA ASP B 92 10.50 17.62 -4.57
C ASP B 92 10.54 16.66 -3.38
N LEU B 93 10.27 17.18 -2.19
CA LEU B 93 10.39 16.33 -1.02
C LEU B 93 9.30 15.26 -1.02
N TRP B 94 8.12 15.62 -1.51
CA TRP B 94 7.05 14.63 -1.66
C TRP B 94 7.43 13.56 -2.69
N GLN B 95 7.91 13.97 -3.86
CA GLN B 95 8.30 12.99 -4.87
C GLN B 95 9.40 12.10 -4.36
N MET B 96 10.36 12.71 -3.66
CA MET B 96 11.48 11.97 -3.09
C MET B 96 11.04 10.99 -1.99
N MET B 97 10.21 11.46 -1.05
CA MET B 97 9.75 10.60 0.05
C MET B 97 8.96 9.41 -0.48
N MET B 98 8.09 9.66 -1.46
CA MET B 98 7.22 8.59 -1.96
C MET B 98 7.99 7.38 -2.47
N VAL B 99 9.13 7.61 -3.11
CA VAL B 99 9.89 6.49 -3.68
C VAL B 99 11.08 6.08 -2.82
N ASN B 100 11.23 6.70 -1.65
CA ASN B 100 12.47 6.50 -0.89
C ASN B 100 12.72 5.08 -0.39
N ALA B 101 11.67 4.31 -0.13
CA ALA B 101 11.85 2.93 0.33
C ALA B 101 11.82 1.93 -0.83
N TYR B 102 11.84 2.46 -2.06
CA TYR B 102 11.67 1.68 -3.30
C TYR B 102 10.24 1.17 -3.42
N TRP B 103 9.89 0.15 -2.64
CA TRP B 103 8.48 -0.22 -2.57
C TRP B 103 7.75 0.94 -1.92
N ARG B 104 6.47 1.09 -2.25
CA ARG B 104 5.76 2.32 -1.91
C ARG B 104 4.27 2.16 -1.96
N ASN B 105 3.56 3.27 -1.77
CA ASN B 105 2.11 3.26 -1.64
C ASN B 105 1.73 2.51 -0.34
N GLY B 106 0.45 2.41 -0.01
CA GLY B 106 0.09 1.72 1.22
C GLY B 106 -0.03 2.61 2.44
N PRO B 107 -0.78 2.12 3.44
CA PRO B 107 -1.25 3.00 4.52
C PRO B 107 -0.17 3.45 5.49
N VAL B 108 0.84 2.64 5.77
CA VAL B 108 1.83 3.04 6.77
C VAL B 108 2.77 4.13 6.23
N ILE B 109 3.36 3.87 5.06
CA ILE B 109 4.21 4.86 4.41
C ILE B 109 3.46 6.16 4.10
N ASN B 110 2.27 6.04 3.52
CA ASN B 110 1.56 7.25 3.07
C ASN B 110 1.12 8.15 4.21
N ASN B 111 0.70 7.57 5.32
CA ASN B 111 0.34 8.39 6.47
C ASN B 111 1.54 9.11 7.05
N ALA B 112 2.68 8.43 7.12
CA ALA B 112 3.90 9.06 7.61
C ALA B 112 4.28 10.22 6.70
N ILE B 113 4.24 10.00 5.40
CA ILE B 113 4.54 11.07 4.44
C ILE B 113 3.52 12.20 4.55
N SER B 114 2.25 11.85 4.71
CA SER B 114 1.21 12.86 4.84
C SER B 114 1.47 13.81 6.00
N GLY B 115 1.88 13.26 7.13
CA GLY B 115 2.16 14.09 8.29
C GLY B 115 3.22 15.14 7.95
N VAL B 116 4.28 14.69 7.28
CA VAL B 116 5.35 15.60 6.87
C VAL B 116 4.83 16.61 5.84
N ASP B 117 4.17 16.10 4.80
CA ASP B 117 3.66 16.96 3.74
C ASP B 117 2.76 18.08 4.28
N MET B 118 1.80 17.72 5.12
CA MET B 118 0.91 18.74 5.68
C MET B 118 1.69 19.76 6.51
N ALA B 119 2.68 19.29 7.27
CA ALA B 119 3.47 20.18 8.11
C ALA B 119 4.29 21.15 7.26
N LEU B 120 4.81 20.65 6.13
CA LEU B 120 5.53 21.51 5.19
C LEU B 120 4.63 22.59 4.58
N TRP B 121 3.39 22.22 4.22
CA TRP B 121 2.44 23.21 3.73
C TRP B 121 2.08 24.24 4.81
N ASP B 122 1.94 23.76 6.04
CA ASP B 122 1.66 24.63 7.18
C ASP B 122 2.77 25.68 7.30
N ILE B 123 4.01 25.22 7.26
CA ILE B 123 5.18 26.09 7.31
C ILE B 123 5.19 27.13 6.17
N LYS B 124 4.96 26.67 4.94
CA LYS B 124 4.94 27.59 3.81
C LYS B 124 3.84 28.65 3.93
N ALA B 125 2.66 28.27 4.38
CA ALA B 125 1.58 29.22 4.56
C ALA B 125 1.87 30.21 5.71
N LYS B 126 2.47 29.70 6.78
CA LYS B 126 2.89 30.56 7.90
C LYS B 126 3.93 31.59 7.43
N ILE B 127 4.88 31.13 6.63
CA ILE B 127 5.92 32.02 6.08
C ILE B 127 5.33 33.03 5.09
N ALA B 128 4.33 32.60 4.33
CA ALA B 128 3.63 33.49 3.39
C ALA B 128 2.70 34.44 4.13
N ASN B 129 2.54 34.20 5.44
CA ASN B 129 1.54 34.89 6.26
C ASN B 129 0.13 34.84 5.66
N MET B 130 -0.29 33.64 5.25
CA MET B 130 -1.59 33.44 4.62
C MET B 130 -2.26 32.19 5.18
N PRO B 131 -3.59 32.16 5.19
CA PRO B 131 -4.29 30.90 5.46
C PRO B 131 -3.94 29.90 4.36
N LEU B 132 -3.88 28.62 4.68
CA LEU B 132 -3.45 27.61 3.70
C LEU B 132 -4.21 27.71 2.38
N HIS B 133 -5.53 27.87 2.43
CA HIS B 133 -6.31 27.87 1.19
C HIS B 133 -5.97 29.07 0.30
N GLN B 134 -5.46 30.15 0.90
CA GLN B 134 -5.07 31.31 0.11
C GLN B 134 -3.78 31.02 -0.63
N LEU B 135 -2.88 30.27 0.01
CA LEU B 135 -1.66 29.84 -0.65
C LEU B 135 -2.02 29.02 -1.90
N PHE B 136 -3.07 28.22 -1.81
CA PHE B 136 -3.49 27.36 -2.93
C PHE B 136 -3.95 28.15 -4.15
N GLY B 137 -4.39 29.39 -3.94
CA GLY B 137 -5.03 30.15 -5.00
C GLY B 137 -6.35 30.76 -4.60
N GLY B 138 -6.72 30.59 -3.33
CA GLY B 138 -7.89 31.26 -2.79
C GLY B 138 -9.18 30.46 -2.82
N LYS B 139 -10.27 31.11 -2.42
CA LYS B 139 -11.56 30.44 -2.28
C LYS B 139 -12.26 30.31 -3.63
N SER B 140 -12.96 29.19 -3.83
CA SER B 140 -13.92 29.12 -4.93
C SER B 140 -15.31 28.90 -4.36
N ARG B 141 -15.43 28.97 -3.04
CA ARG B 141 -16.74 28.97 -2.37
C ARG B 141 -16.60 29.72 -1.06
N ASP B 142 -17.71 30.15 -0.47
CA ASP B 142 -17.66 30.93 0.77
C ASP B 142 -17.34 30.04 1.96
N ALA B 143 -17.87 28.81 1.92
CA ALA B 143 -17.72 27.84 3.00
C ALA B 143 -18.19 26.50 2.44
N ILE B 144 -17.89 25.41 3.14
CA ILE B 144 -18.28 24.10 2.62
C ILE B 144 -19.47 23.56 3.41
N GLN B 145 -20.47 23.04 2.72
CA GLN B 145 -21.60 22.40 3.40
C GLN B 145 -21.12 21.17 4.17
N VAL B 146 -21.89 20.79 5.19
CA VAL B 146 -21.48 19.73 6.10
C VAL B 146 -22.56 18.67 6.24
N TYR B 147 -22.17 17.40 6.32
CA TYR B 147 -23.11 16.35 6.74
C TYR B 147 -22.65 15.70 8.02
N THR B 148 -23.61 15.23 8.81
CA THR B 148 -23.33 14.60 10.08
C THR B 148 -23.81 13.14 10.09
N HIS B 149 -23.54 12.43 11.19
CA HIS B 149 -23.88 11.02 11.32
C HIS B 149 -25.05 10.81 12.27
N ALA B 150 -26.15 10.24 11.79
CA ALA B 150 -27.23 9.79 12.66
C ALA B 150 -27.26 8.27 12.60
N THR B 151 -26.92 7.64 13.72
CA THR B 151 -26.90 6.18 13.79
C THR B 151 -27.65 5.72 15.04
N SER B 152 -28.61 4.82 14.87
CA SER B 152 -29.37 4.28 16.01
C SER B 152 -29.89 2.89 15.71
N ASP B 153 -30.29 2.15 16.74
CA ASP B 153 -30.80 0.79 16.52
C ASP B 153 -32.31 0.74 16.37
N THR B 154 -32.97 1.87 16.61
CA THR B 154 -34.40 2.00 16.32
C THR B 154 -34.64 3.20 15.43
N MET B 155 -35.76 3.18 14.72
CA MET B 155 -36.17 4.30 13.89
C MET B 155 -36.44 5.56 14.72
N GLU B 156 -37.01 5.41 15.91
CA GLU B 156 -37.33 6.57 16.74
C GLU B 156 -36.05 7.22 17.29
N GLY B 157 -35.04 6.39 17.55
CA GLY B 157 -33.73 6.90 17.95
C GLY B 157 -33.09 7.68 16.82
N LEU B 158 -33.35 7.23 15.60
CA LEU B 158 -32.84 7.90 14.41
C LEU B 158 -33.57 9.23 14.22
N TYR B 159 -34.89 9.21 14.40
CA TYR B 159 -35.70 10.43 14.30
C TYR B 159 -35.24 11.50 15.29
N GLU B 160 -34.88 11.06 16.49
CA GLU B 160 -34.44 11.98 17.53
C GLU B 160 -33.15 12.67 17.13
N GLN B 161 -32.22 11.91 16.59
CA GLN B 161 -30.94 12.46 16.15
C GLN B 161 -31.14 13.37 14.94
N VAL B 162 -31.95 12.92 13.98
CA VAL B 162 -32.26 13.74 12.81
C VAL B 162 -32.91 15.07 13.21
N ASP B 163 -33.91 15.02 14.09
CA ASP B 163 -34.58 16.23 14.54
C ASP B 163 -33.59 17.22 15.13
N LYS B 164 -32.67 16.72 15.93
CA LYS B 164 -31.66 17.58 16.55
C LYS B 164 -30.73 18.22 15.51
N TYR B 165 -30.33 17.45 14.50
CA TYR B 165 -29.45 17.99 13.47
C TYR B 165 -30.15 19.00 12.59
N LEU B 166 -31.41 18.74 12.25
CA LEU B 166 -32.16 19.68 11.43
C LEU B 166 -32.30 21.01 12.16
N GLU B 167 -32.51 20.92 13.48
N GLU B 167 -32.49 20.95 13.48
CA GLU B 167 -32.57 22.07 14.37
CA GLU B 167 -32.62 22.16 14.27
C GLU B 167 -31.35 22.94 14.23
C GLU B 167 -31.33 22.97 14.23
N GLN B 168 -30.19 22.29 14.17
CA GLN B 168 -28.90 22.98 14.13
C GLN B 168 -28.56 23.53 12.75
N GLY B 169 -29.37 23.22 11.75
CA GLY B 169 -29.20 23.80 10.42
C GLY B 169 -28.56 22.89 9.38
N TYR B 170 -28.29 21.64 9.75
CA TYR B 170 -27.74 20.68 8.79
C TYR B 170 -28.79 20.35 7.74
N GLN B 171 -28.34 20.19 6.50
CA GLN B 171 -29.24 19.89 5.39
C GLN B 171 -28.94 18.51 4.82
N HIS B 172 -27.88 17.90 5.34
CA HIS B 172 -27.43 16.59 4.88
C HIS B 172 -27.10 15.75 6.09
N ILE B 173 -27.63 14.54 6.16
CA ILE B 173 -27.38 13.68 7.30
C ILE B 173 -27.20 12.25 6.83
N ARG B 174 -26.10 11.62 7.25
CA ARG B 174 -25.87 10.22 6.93
C ARG B 174 -26.63 9.39 7.96
N CYS B 175 -27.57 8.58 7.48
CA CYS B 175 -28.42 7.81 8.39
C CYS B 175 -28.14 6.32 8.32
N GLN B 176 -27.97 5.70 9.47
N GLN B 176 -27.91 5.71 9.47
CA GLN B 176 -27.85 4.25 9.53
CA GLN B 176 -27.65 4.27 9.52
C GLN B 176 -28.76 3.65 10.60
C GLN B 176 -28.49 3.65 10.63
N LEU B 177 -29.54 2.64 10.21
N LEU B 177 -29.26 2.63 10.28
CA LEU B 177 -30.43 1.94 11.13
CA LEU B 177 -29.98 1.84 11.27
C LEU B 177 -29.80 0.63 11.54
C LEU B 177 -29.06 0.69 11.64
N GLY B 178 -29.87 0.32 12.84
N GLY B 178 -28.16 0.95 12.59
CA GLY B 178 -29.30 -0.91 13.37
CA GLY B 178 -27.20 -0.04 13.06
C GLY B 178 -27.79 -0.85 13.49
C GLY B 178 -25.77 0.26 12.64
N PHE B 179 -27.20 -1.94 13.96
N PHE B 179 -24.81 -0.41 13.30
CA PHE B 179 -25.75 -2.05 14.11
CA PHE B 179 -23.43 -0.37 12.83
C PHE B 179 -25.32 -3.42 13.58
C PHE B 179 -23.40 -0.95 11.44
N TYR B 180 -24.11 -3.50 13.01
N TYR B 180 -22.30 -0.77 10.72
CA TYR B 180 -23.73 -4.71 12.28
CA TYR B 180 -22.22 -1.22 9.34
C TYR B 180 -22.29 -5.11 12.57
C TYR B 180 -22.50 -2.72 9.23
N ASN B 186 -32.13 -13.86 15.66
CA ASN B 186 -30.79 -13.56 15.17
C ASN B 186 -30.40 -14.50 14.03
N ILE B 187 -29.11 -14.70 13.81
CA ILE B 187 -28.63 -15.28 12.56
C ILE B 187 -28.37 -16.78 12.64
N GLN B 188 -28.52 -17.46 11.51
CA GLN B 188 -28.35 -18.90 11.46
C GLN B 188 -26.91 -19.22 11.06
N THR B 189 -26.06 -19.39 12.06
CA THR B 189 -24.66 -19.76 11.84
C THR B 189 -24.50 -21.27 11.82
N ALA B 190 -23.31 -21.74 11.50
CA ALA B 190 -23.02 -23.15 11.63
C ALA B 190 -22.84 -23.48 13.11
N GLN B 191 -22.60 -24.75 13.41
CA GLN B 191 -22.23 -25.13 14.77
C GLN B 191 -20.85 -24.58 15.12
N ASN B 192 -20.67 -24.18 16.38
CA ASN B 192 -19.43 -23.57 16.87
C ASN B 192 -18.80 -22.54 15.94
N PRO B 193 -19.51 -21.44 15.68
CA PRO B 193 -19.04 -20.44 14.72
C PRO B 193 -17.74 -19.80 15.17
N THR B 194 -16.86 -19.56 14.21
CA THR B 194 -15.57 -18.96 14.50
C THR B 194 -15.74 -17.57 15.11
N GLN B 195 -14.90 -17.25 16.09
CA GLN B 195 -14.87 -15.94 16.72
C GLN B 195 -14.85 -14.82 15.68
N GLY B 196 -15.73 -13.84 15.84
CA GLY B 196 -15.75 -12.70 14.93
C GLY B 196 -16.97 -11.81 15.13
N SER B 197 -17.11 -10.83 14.25
CA SER B 197 -18.19 -9.86 14.32
C SER B 197 -19.23 -10.15 13.25
N TYR B 198 -20.33 -10.79 13.64
CA TYR B 198 -21.27 -11.35 12.68
C TYR B 198 -22.35 -10.37 12.25
N TYR B 199 -22.74 -10.47 10.98
CA TYR B 199 -23.91 -9.75 10.49
C TYR B 199 -24.58 -10.55 9.39
N ASP B 200 -25.78 -10.15 9.00
CA ASP B 200 -26.49 -10.84 7.93
C ASP B 200 -26.78 -9.85 6.83
N GLN B 201 -26.27 -10.11 5.63
CA GLN B 201 -26.41 -9.17 4.52
C GLN B 201 -27.86 -8.90 4.13
N ASP B 202 -28.69 -9.94 4.11
CA ASP B 202 -30.10 -9.76 3.73
C ASP B 202 -30.86 -8.90 4.73
N GLN B 203 -30.57 -9.11 6.01
CA GLN B 203 -31.20 -8.32 7.06
C GLN B 203 -30.77 -6.87 6.98
N TYR B 204 -29.48 -6.66 6.74
CA TYR B 204 -28.94 -5.32 6.57
C TYR B 204 -29.62 -4.60 5.39
N ILE B 205 -29.79 -5.30 4.28
CA ILE B 205 -30.43 -4.69 3.11
C ILE B 205 -31.89 -4.34 3.41
N GLU B 206 -32.62 -5.32 3.93
CA GLU B 206 -34.02 -5.12 4.31
C GLU B 206 -34.21 -3.93 5.25
N ASN B 207 -33.42 -3.89 6.31
CA ASN B 207 -33.52 -2.80 7.29
C ASN B 207 -33.18 -1.43 6.71
N THR B 208 -32.18 -1.39 5.82
CA THR B 208 -31.76 -0.12 5.24
C THR B 208 -32.77 0.42 4.25
N VAL B 209 -33.36 -0.47 3.44
CA VAL B 209 -34.40 -0.03 2.50
C VAL B 209 -35.60 0.49 3.28
N GLU B 210 -35.95 -0.22 4.36
CA GLU B 210 -37.06 0.21 5.20
C GLU B 210 -36.74 1.54 5.89
N MET B 211 -35.48 1.73 6.27
CA MET B 211 -35.06 2.99 6.87
C MET B 211 -35.32 4.17 5.93
N PHE B 212 -34.87 4.03 4.69
CA PHE B 212 -35.06 5.08 3.69
C PHE B 212 -36.54 5.34 3.45
N LYS B 213 -37.31 4.27 3.32
CA LYS B 213 -38.76 4.39 3.09
C LYS B 213 -39.42 5.18 4.21
N ASN B 214 -39.09 4.85 5.45
CA ASN B 214 -39.62 5.56 6.61
C ASN B 214 -39.17 7.02 6.71
N LEU B 215 -37.89 7.27 6.40
CA LEU B 215 -37.37 8.63 6.45
C LEU B 215 -38.07 9.51 5.42
N ARG B 216 -38.31 8.97 4.23
CA ARG B 216 -38.98 9.75 3.20
C ARG B 216 -40.44 9.98 3.58
N GLU B 217 -41.04 9.01 4.25
CA GLU B 217 -42.44 9.16 4.65
C GLU B 217 -42.62 10.25 5.70
N LYS B 218 -41.67 10.34 6.62
CA LYS B 218 -41.75 11.28 7.74
C LYS B 218 -41.23 12.65 7.36
N TYR B 219 -40.12 12.69 6.61
CA TYR B 219 -39.44 13.95 6.34
C TYR B 219 -39.59 14.47 4.92
N GLY B 220 -40.05 13.62 4.01
CA GLY B 220 -40.18 14.02 2.62
C GLY B 220 -38.83 14.49 2.09
N LYS B 221 -38.81 15.69 1.51
CA LYS B 221 -37.58 16.27 0.98
C LYS B 221 -36.97 17.35 1.88
N GLN B 222 -37.25 17.28 3.18
CA GLN B 222 -36.65 18.25 4.11
C GLN B 222 -35.13 18.26 4.08
N PHE B 223 -34.52 17.07 3.97
CA PHE B 223 -33.07 17.00 3.98
C PHE B 223 -32.51 15.91 3.07
N HIS B 224 -31.22 16.02 2.77
CA HIS B 224 -30.52 15.03 1.95
C HIS B 224 -30.10 13.84 2.80
N ILE B 225 -30.47 12.63 2.36
CA ILE B 225 -30.16 11.42 3.12
C ILE B 225 -28.95 10.72 2.52
N LEU B 226 -27.91 10.49 3.33
CA LEU B 226 -26.73 9.77 2.88
C LEU B 226 -26.73 8.42 3.57
N HIS B 227 -26.09 7.41 2.97
CA HIS B 227 -25.93 6.13 3.65
C HIS B 227 -24.64 5.44 3.23
N ASP B 228 -23.97 4.80 4.18
CA ASP B 228 -22.68 4.15 3.93
C ASP B 228 -22.84 2.62 3.98
N VAL B 229 -22.73 1.97 2.82
CA VAL B 229 -22.85 0.52 2.74
C VAL B 229 -21.61 -0.14 3.33
N HIS B 230 -20.51 0.58 3.33
CA HIS B 230 -19.28 0.16 4.01
C HIS B 230 -18.83 -1.23 3.55
N GLU B 231 -18.86 -1.45 2.24
CA GLU B 231 -18.40 -2.71 1.59
C GLU B 231 -18.97 -4.03 2.17
N ARG B 232 -20.20 -3.98 2.68
N ARG B 232 -20.20 -3.98 2.67
CA ARG B 232 -20.81 -5.13 3.35
CA ARG B 232 -20.77 -5.14 3.34
C ARG B 232 -21.41 -6.16 2.40
C ARG B 232 -21.46 -6.13 2.41
N LEU B 233 -21.56 -5.78 1.13
CA LEU B 233 -22.32 -6.59 0.17
C LEU B 233 -21.47 -7.25 -0.91
N PHE B 234 -21.99 -8.36 -1.45
CA PHE B 234 -21.46 -8.96 -2.69
C PHE B 234 -21.98 -8.16 -3.89
N PRO B 235 -21.35 -8.31 -5.08
CA PRO B 235 -21.78 -7.49 -6.22
C PRO B 235 -23.24 -7.65 -6.60
N ASN B 236 -23.76 -8.88 -6.63
CA ASN B 236 -25.17 -9.05 -6.99
C ASN B 236 -26.10 -8.36 -6.00
N GLN B 237 -25.72 -8.38 -4.73
CA GLN B 237 -26.50 -7.69 -3.70
C GLN B 237 -26.42 -6.18 -3.88
N ALA B 238 -25.25 -5.69 -4.25
CA ALA B 238 -25.04 -4.25 -4.44
C ALA B 238 -25.96 -3.72 -5.53
N ILE B 239 -26.06 -4.46 -6.62
CA ILE B 239 -26.88 -4.01 -7.74
C ILE B 239 -28.37 -4.02 -7.39
N GLN B 240 -28.81 -5.09 -6.73
CA GLN B 240 -30.17 -5.17 -6.24
C GLN B 240 -30.47 -3.99 -5.30
N PHE B 241 -29.54 -3.70 -4.39
CA PHE B 241 -29.73 -2.61 -3.43
C PHE B 241 -29.84 -1.27 -4.14
N ALA B 242 -28.99 -1.04 -5.14
CA ALA B 242 -29.05 0.21 -5.89
C ALA B 242 -30.44 0.40 -6.51
N LYS B 243 -30.99 -0.66 -7.09
CA LYS B 243 -32.30 -0.58 -7.73
C LYS B 243 -33.42 -0.41 -6.68
N GLN B 244 -33.25 -1.03 -5.51
CA GLN B 244 -34.24 -0.93 -4.44
C GLN B 244 -34.26 0.44 -3.81
N ILE B 245 -33.11 1.10 -3.79
CA ILE B 245 -32.94 2.34 -3.05
C ILE B 245 -33.10 3.59 -3.92
N GLU B 246 -32.98 3.45 -5.23
CA GLU B 246 -32.89 4.63 -6.10
C GLU B 246 -34.11 5.57 -6.03
N GLN B 247 -35.29 5.02 -5.80
CA GLN B 247 -36.51 5.82 -5.73
C GLN B 247 -36.47 6.80 -4.57
N TYR B 248 -35.60 6.53 -3.59
CA TYR B 248 -35.53 7.37 -2.40
C TYR B 248 -34.47 8.48 -2.55
N ASN B 249 -33.85 8.54 -3.73
CA ASN B 249 -32.90 9.59 -4.08
C ASN B 249 -31.87 9.95 -3.01
N PRO B 250 -31.06 8.97 -2.57
CA PRO B 250 -30.00 9.30 -1.60
C PRO B 250 -29.03 10.31 -2.19
N PHE B 251 -28.53 11.22 -1.37
CA PHE B 251 -27.54 12.18 -1.80
C PHE B 251 -26.31 11.45 -2.32
N PHE B 252 -25.89 10.45 -1.58
CA PHE B 252 -25.03 9.40 -2.12
C PHE B 252 -25.12 8.11 -1.32
N ILE B 253 -24.85 7.01 -2.00
CA ILE B 253 -24.66 5.71 -1.37
C ILE B 253 -23.17 5.47 -1.40
N GLU B 254 -22.57 5.30 -0.23
CA GLU B 254 -21.12 5.21 -0.11
C GLU B 254 -20.62 3.76 -0.02
N ASP B 255 -19.49 3.48 -0.67
CA ASP B 255 -18.83 2.18 -0.59
C ASP B 255 -19.76 0.99 -0.82
N ILE B 256 -20.53 1.09 -1.89
CA ILE B 256 -21.48 0.03 -2.22
C ILE B 256 -20.76 -1.27 -2.59
N LEU B 257 -19.49 -1.14 -2.95
CA LEU B 257 -18.60 -2.29 -3.24
C LEU B 257 -17.24 -2.04 -2.63
N PRO B 258 -16.47 -3.12 -2.36
CA PRO B 258 -15.10 -2.91 -1.91
C PRO B 258 -14.22 -2.43 -3.07
N PRO B 259 -13.05 -1.85 -2.76
CA PRO B 259 -12.23 -1.27 -3.81
C PRO B 259 -11.76 -2.26 -4.88
N SER B 260 -11.68 -3.55 -4.53
CA SER B 260 -11.20 -4.55 -5.48
C SER B 260 -12.27 -5.00 -6.47
N GLN B 261 -13.50 -4.53 -6.29
CA GLN B 261 -14.61 -4.97 -7.14
C GLN B 261 -15.31 -3.84 -7.87
N THR B 262 -14.64 -2.71 -8.03
CA THR B 262 -15.34 -1.55 -8.59
C THR B 262 -15.65 -1.65 -10.07
N GLU B 263 -15.07 -2.63 -10.76
CA GLU B 263 -15.49 -2.88 -12.14
C GLU B 263 -16.98 -3.25 -12.21
N TRP B 264 -17.51 -3.82 -11.12
CA TRP B 264 -18.93 -4.18 -11.08
C TRP B 264 -19.83 -2.95 -11.03
N LEU B 265 -19.26 -1.77 -10.78
CA LEU B 265 -20.06 -0.55 -10.79
C LEU B 265 -20.64 -0.25 -12.18
N ASP B 266 -20.02 -0.76 -13.24
CA ASP B 266 -20.57 -0.52 -14.59
C ASP B 266 -21.99 -1.05 -14.74
N ASN B 267 -22.22 -2.22 -14.14
N ASN B 267 -22.26 -2.21 -14.15
CA ASN B 267 -23.54 -2.83 -14.13
CA ASN B 267 -23.62 -2.76 -14.23
C ASN B 267 -24.59 -1.91 -13.51
C ASN B 267 -24.64 -1.89 -13.49
N ILE B 268 -24.22 -1.32 -12.37
CA ILE B 268 -25.07 -0.38 -11.65
C ILE B 268 -25.27 0.90 -12.47
N ARG B 269 -24.18 1.43 -13.00
CA ARG B 269 -24.26 2.68 -13.77
C ARG B 269 -25.13 2.55 -15.02
N ASN B 270 -25.19 1.34 -15.58
CA ASN B 270 -25.97 1.08 -16.81
C ASN B 270 -27.46 1.01 -16.55
N GLN B 271 -27.85 0.79 -15.29
CA GLN B 271 -29.27 0.60 -15.03
C GLN B 271 -29.85 1.36 -13.86
N SER B 272 -29.03 2.08 -13.12
CA SER B 272 -29.56 2.84 -11.97
C SER B 272 -29.07 4.29 -11.99
N SER B 273 -29.89 5.20 -11.49
CA SER B 273 -29.51 6.60 -11.39
C SER B 273 -28.94 6.93 -10.02
N VAL B 274 -28.78 5.93 -9.15
CA VAL B 274 -28.28 6.19 -7.80
C VAL B 274 -26.92 6.90 -7.80
N SER B 275 -26.80 7.92 -6.94
N SER B 275 -26.80 7.92 -6.95
CA SER B 275 -25.56 8.66 -6.77
CA SER B 275 -25.55 8.65 -6.79
C SER B 275 -24.59 7.86 -5.91
C SER B 275 -24.60 7.84 -5.93
N LEU B 276 -23.35 7.71 -6.37
CA LEU B 276 -22.38 6.85 -5.69
C LEU B 276 -21.14 7.58 -5.17
N ALA B 277 -20.69 7.18 -4.00
CA ALA B 277 -19.44 7.72 -3.44
C ALA B 277 -18.54 6.57 -3.06
N LEU B 278 -17.24 6.72 -3.29
CA LEU B 278 -16.33 5.64 -2.95
C LEU B 278 -14.92 6.17 -2.79
N GLY B 279 -14.10 5.48 -2.01
CA GLY B 279 -12.68 5.78 -1.99
C GLY B 279 -11.99 6.02 -0.66
N GLU B 280 -12.71 5.98 0.46
CA GLU B 280 -12.01 6.24 1.74
C GLU B 280 -10.88 5.23 1.98
N LEU B 281 -10.98 4.05 1.38
CA LEU B 281 -9.98 3.01 1.59
C LEU B 281 -8.73 3.16 0.71
N PHE B 282 -8.77 4.06 -0.26
CA PHE B 282 -7.72 4.09 -1.27
C PHE B 282 -6.37 4.55 -0.73
N ASN B 283 -5.32 3.84 -1.11
CA ASN B 283 -3.96 4.29 -0.85
C ASN B 283 -2.98 3.92 -1.98
N ASN B 284 -3.54 3.70 -3.18
CA ASN B 284 -2.74 3.46 -4.37
C ASN B 284 -3.48 4.05 -5.56
N PRO B 285 -2.80 4.90 -6.35
CA PRO B 285 -3.52 5.57 -7.45
C PRO B 285 -4.20 4.60 -8.43
N GLU B 286 -3.73 3.36 -8.52
CA GLU B 286 -4.38 2.41 -9.41
C GLU B 286 -5.81 2.12 -8.95
N GLU B 287 -6.10 2.41 -7.70
CA GLU B 287 -7.45 2.16 -7.17
C GLU B 287 -8.45 3.17 -7.67
N TRP B 288 -7.99 4.36 -8.04
CA TRP B 288 -8.90 5.44 -8.43
C TRP B 288 -8.87 5.84 -9.90
N LYS B 289 -7.81 5.53 -10.62
CA LYS B 289 -7.72 6.04 -11.98
C LYS B 289 -8.82 5.52 -12.91
N ALA B 290 -8.93 4.20 -13.06
CA ALA B 290 -9.98 3.64 -13.89
C ALA B 290 -11.37 4.00 -13.37
N LEU B 291 -11.50 4.09 -12.05
CA LEU B 291 -12.78 4.44 -11.42
C LEU B 291 -13.29 5.77 -11.93
N ILE B 292 -12.40 6.76 -11.94
CA ILE B 292 -12.75 8.12 -12.34
C ILE B 292 -12.85 8.28 -13.85
N ILE B 293 -11.89 7.73 -14.58
CA ILE B 293 -11.89 7.80 -16.04
C ILE B 293 -13.18 7.22 -16.61
N ASN B 294 -13.68 6.18 -15.96
CA ASN B 294 -14.90 5.52 -16.42
C ASN B 294 -16.17 6.02 -15.74
N ARG B 295 -16.05 7.12 -14.99
N ARG B 295 -16.05 7.11 -14.97
CA ARG B 295 -17.20 7.79 -14.38
CA ARG B 295 -17.20 7.78 -14.36
C ARG B 295 -18.03 6.83 -13.52
C ARG B 295 -18.04 6.82 -13.53
N ARG B 296 -17.35 5.96 -12.80
CA ARG B 296 -18.00 4.96 -11.97
C ARG B 296 -18.48 5.52 -10.63
N VAL B 297 -17.96 6.67 -10.21
CA VAL B 297 -18.54 7.32 -9.03
C VAL B 297 -18.80 8.80 -9.23
N ASP B 298 -19.62 9.35 -8.34
CA ASP B 298 -19.99 10.75 -8.43
C ASP B 298 -19.21 11.58 -7.42
N PHE B 299 -18.80 10.95 -6.32
CA PHE B 299 -18.02 11.62 -5.29
C PHE B 299 -16.86 10.75 -4.88
N ILE B 300 -15.66 11.32 -4.89
CA ILE B 300 -14.47 10.61 -4.43
C ILE B 300 -14.32 10.89 -2.93
N ARG B 301 -14.00 9.84 -2.17
CA ARG B 301 -14.07 9.92 -0.71
C ARG B 301 -12.73 9.67 -0.04
N CYS B 302 -11.63 9.92 -0.74
CA CYS B 302 -10.33 9.58 -0.19
C CYS B 302 -10.01 10.24 1.15
N HIS B 303 -9.29 9.50 1.97
CA HIS B 303 -8.75 9.99 3.23
C HIS B 303 -7.41 10.63 2.86
N VAL B 304 -7.30 11.94 3.03
CA VAL B 304 -6.14 12.66 2.54
C VAL B 304 -4.81 12.06 3.03
N SER B 305 -4.73 11.67 4.30
CA SER B 305 -3.47 11.11 4.79
C SER B 305 -3.16 9.74 4.19
N GLN B 306 -4.20 9.00 3.80
CA GLN B 306 -4.00 7.70 3.16
C GLN B 306 -3.40 7.82 1.75
N ILE B 307 -3.63 8.95 1.07
CA ILE B 307 -3.09 9.12 -0.28
C ILE B 307 -1.77 9.89 -0.28
N GLY B 308 -1.34 10.33 0.90
CA GLY B 308 -0.02 10.92 1.02
C GLY B 308 0.03 12.42 1.27
N GLY B 309 -1.11 13.00 1.65
CA GLY B 309 -1.10 14.39 2.09
C GLY B 309 -1.76 15.39 1.15
N ILE B 310 -1.47 16.67 1.38
CA ILE B 310 -2.05 17.75 0.58
C ILE B 310 -1.57 17.71 -0.86
N THR B 311 -0.28 17.46 -1.04
CA THR B 311 0.30 17.45 -2.38
C THR B 311 -0.48 16.56 -3.36
N PRO B 312 -0.67 15.26 -3.03
CA PRO B 312 -1.49 14.44 -3.95
C PRO B 312 -2.99 14.76 -3.92
N ALA B 313 -3.51 15.29 -2.81
CA ALA B 313 -4.92 15.63 -2.76
C ALA B 313 -5.26 16.72 -3.77
N LEU B 314 -4.37 17.72 -3.91
CA LEU B 314 -4.60 18.77 -4.90
C LEU B 314 -4.63 18.19 -6.32
N LYS B 315 -3.67 17.34 -6.64
CA LYS B 315 -3.61 16.73 -7.96
C LYS B 315 -4.84 15.87 -8.26
N LEU B 316 -5.29 15.12 -7.26
CA LEU B 316 -6.45 14.25 -7.42
C LEU B 316 -7.71 15.08 -7.58
N GLY B 317 -7.78 16.19 -6.84
CA GLY B 317 -8.91 17.10 -6.98
C GLY B 317 -8.99 17.64 -8.40
N HIS B 318 -7.84 18.00 -8.95
CA HIS B 318 -7.78 18.48 -10.33
C HIS B 318 -8.14 17.40 -11.34
N PHE B 319 -7.62 16.20 -11.12
CA PHE B 319 -7.91 15.04 -11.97
C PHE B 319 -9.42 14.80 -12.01
N CYS B 320 -10.06 14.77 -10.83
CA CYS B 320 -11.50 14.57 -10.77
C CYS B 320 -12.26 15.66 -11.51
N GLU B 321 -11.82 16.90 -11.38
CA GLU B 321 -12.55 18.01 -11.99
C GLU B 321 -12.66 17.83 -13.50
N SER B 322 -11.58 17.39 -14.11
CA SER B 322 -11.56 17.14 -15.54
C SER B 322 -12.63 16.14 -15.95
N PHE B 323 -12.89 15.16 -15.07
CA PHE B 323 -13.88 14.11 -15.36
C PHE B 323 -15.29 14.35 -14.78
N GLY B 324 -15.48 15.47 -14.08
CA GLY B 324 -16.80 15.83 -13.59
C GLY B 324 -17.14 15.10 -12.30
N VAL B 325 -16.11 14.61 -11.63
CA VAL B 325 -16.28 13.91 -10.35
C VAL B 325 -16.09 14.91 -9.21
N ARG B 326 -16.95 14.86 -8.20
CA ARG B 326 -16.83 15.81 -7.09
C ARG B 326 -16.15 15.20 -5.89
N ILE B 327 -15.80 16.05 -4.91
CA ILE B 327 -14.94 15.62 -3.81
C ILE B 327 -15.66 15.67 -2.47
N ALA B 328 -15.57 14.58 -1.72
CA ALA B 328 -16.05 14.54 -0.34
C ALA B 328 -15.02 13.77 0.49
N TRP B 329 -13.92 14.42 0.86
CA TRP B 329 -12.84 13.73 1.56
C TRP B 329 -13.36 13.06 2.82
N HIS B 330 -12.82 11.90 3.17
CA HIS B 330 -13.18 11.19 4.39
C HIS B 330 -12.79 12.02 5.61
N CYS B 331 -13.74 12.30 6.49
CA CYS B 331 -13.45 13.08 7.70
C CYS B 331 -14.04 12.40 8.93
N PRO B 332 -13.45 11.28 9.32
CA PRO B 332 -13.99 10.50 10.44
C PRO B 332 -13.44 11.01 11.77
N PRO B 333 -13.97 10.50 12.90
CA PRO B 333 -13.37 10.86 14.19
C PRO B 333 -11.90 10.47 14.26
N ASP B 334 -11.52 9.37 13.60
CA ASP B 334 -10.12 8.94 13.61
C ASP B 334 -9.28 9.75 12.64
N MET B 335 -9.12 11.03 12.98
CA MET B 335 -8.35 11.99 12.21
C MET B 335 -8.16 13.19 13.15
N THR B 336 -7.01 13.85 13.10
CA THR B 336 -6.82 15.01 13.96
C THR B 336 -7.66 16.19 13.46
N PRO B 337 -8.01 17.11 14.37
CA PRO B 337 -8.59 18.41 13.98
C PRO B 337 -7.66 19.20 13.05
N ILE B 338 -6.38 18.89 13.07
CA ILE B 338 -5.46 19.46 12.08
C ILE B 338 -5.83 18.95 10.70
N GLY B 339 -6.00 17.63 10.59
CA GLY B 339 -6.45 17.02 9.34
C GLY B 339 -7.79 17.58 8.90
N ALA B 340 -8.68 17.84 9.84
CA ALA B 340 -9.99 18.40 9.49
C ALA B 340 -9.85 19.81 8.97
N ALA B 341 -8.98 20.60 9.58
CA ALA B 341 -8.77 21.98 9.11
C ALA B 341 -8.18 21.99 7.70
N VAL B 342 -7.23 21.08 7.45
CA VAL B 342 -6.64 20.96 6.13
C VAL B 342 -7.72 20.66 5.10
N ASN B 343 -8.63 19.75 5.45
CA ASN B 343 -9.69 19.39 4.51
C ASN B 343 -10.63 20.56 4.22
N THR B 344 -10.90 21.38 5.23
CA THR B 344 -11.70 22.56 4.99
C THR B 344 -10.97 23.56 4.10
N HIS B 345 -9.65 23.68 4.24
CA HIS B 345 -8.86 24.53 3.34
C HIS B 345 -8.95 24.00 1.91
N LEU B 346 -8.76 22.68 1.74
CA LEU B 346 -8.90 22.06 0.43
C LEU B 346 -10.33 22.26 -0.09
N ASN B 347 -11.30 22.13 0.79
CA ASN B 347 -12.72 22.22 0.39
C ASN B 347 -13.20 23.60 -0.03
N VAL B 348 -12.66 24.66 0.56
CA VAL B 348 -13.07 25.99 0.11
C VAL B 348 -12.29 26.42 -1.12
N HIS B 349 -11.19 25.72 -1.40
CA HIS B 349 -10.36 26.05 -2.55
C HIS B 349 -10.72 25.28 -3.82
N LEU B 350 -10.77 23.96 -3.74
CA LEU B 350 -11.00 23.13 -4.94
C LEU B 350 -12.41 23.33 -5.43
N HIS B 351 -12.55 23.69 -6.71
CA HIS B 351 -13.87 24.06 -7.22
C HIS B 351 -14.84 22.88 -7.19
N ASN B 352 -14.31 21.67 -7.28
CA ASN B 352 -15.19 20.50 -7.32
C ASN B 352 -15.44 19.83 -5.97
N ALA B 353 -15.01 20.48 -4.89
CA ALA B 353 -15.37 20.01 -3.55
C ALA B 353 -16.87 20.16 -3.34
N ALA B 354 -17.47 19.17 -2.70
CA ALA B 354 -18.92 19.12 -2.56
C ALA B 354 -19.41 19.31 -1.13
N ILE B 355 -18.84 18.53 -0.22
CA ILE B 355 -19.39 18.47 1.14
C ILE B 355 -18.34 17.94 2.11
N GLN B 356 -18.41 18.38 3.37
CA GLN B 356 -17.50 17.90 4.39
C GLN B 356 -18.22 17.13 5.50
N GLU B 357 -17.83 15.87 5.65
CA GLU B 357 -18.28 15.03 6.74
C GLU B 357 -17.77 15.62 8.05
N HIS B 358 -18.60 15.58 9.09
CA HIS B 358 -18.16 16.09 10.36
C HIS B 358 -18.76 15.35 11.54
N VAL B 359 -17.92 15.03 12.51
CA VAL B 359 -18.37 14.51 13.80
C VAL B 359 -17.89 15.44 14.91
N GLU B 360 -18.82 15.86 15.76
CA GLU B 360 -18.52 16.78 16.85
C GLU B 360 -17.29 16.38 17.67
N TYR B 361 -16.43 17.35 17.99
CA TYR B 361 -15.27 17.09 18.84
C TYR B 361 -15.66 17.09 20.31
N LYS B 362 -14.98 16.27 21.09
CA LYS B 362 -15.21 16.23 22.53
C LYS B 362 -14.17 17.08 23.25
N ALA B 363 -14.38 17.31 24.55
CA ALA B 363 -13.56 18.25 25.31
C ALA B 363 -12.06 17.92 25.35
N ASN B 364 -11.70 16.66 25.61
CA ASN B 364 -10.28 16.30 25.63
C ASN B 364 -9.60 16.58 24.29
N THR B 365 -10.29 16.26 23.21
CA THR B 365 -9.73 16.47 21.86
C THR B 365 -9.54 17.97 21.62
N GLN B 366 -10.54 18.76 22.01
CA GLN B 366 -10.45 20.20 21.85
C GLN B 366 -9.30 20.80 22.67
N ARG B 367 -8.99 20.21 23.82
CA ARG B 367 -7.85 20.69 24.61
C ARG B 367 -6.51 20.37 23.95
N VAL B 368 -6.40 19.18 23.37
CA VAL B 368 -5.16 18.79 22.71
C VAL B 368 -4.96 19.57 21.39
N PHE B 369 -6.06 19.89 20.72
CA PHE B 369 -6.00 20.62 19.45
C PHE B 369 -6.89 21.87 19.48
N PRO B 370 -6.37 22.97 20.07
CA PRO B 370 -7.26 24.12 20.32
C PRO B 370 -7.74 24.81 19.04
N ASN B 371 -8.90 25.46 19.12
CA ASN B 371 -9.43 26.31 18.04
C ASN B 371 -9.95 25.56 16.81
N ALA B 372 -10.29 24.29 16.98
CA ALA B 372 -10.84 23.50 15.88
C ALA B 372 -12.23 24.00 15.52
N ALA B 373 -12.46 24.27 14.24
CA ALA B 373 -13.74 24.79 13.79
C ALA B 373 -14.86 23.76 13.95
N GLU B 374 -16.06 24.27 14.20
N GLU B 374 -16.06 24.24 14.25
CA GLU B 374 -17.25 23.45 14.23
CA GLU B 374 -17.25 23.41 14.24
C GLU B 374 -18.24 24.07 13.25
C GLU B 374 -18.23 24.04 13.27
N PRO B 375 -19.15 23.25 12.69
CA PRO B 375 -20.10 23.77 11.71
C PRO B 375 -21.00 24.85 12.31
N ILE B 376 -21.33 25.85 11.50
CA ILE B 376 -22.29 26.87 11.88
C ILE B 376 -23.38 26.87 10.83
N ASN B 377 -24.62 26.58 11.23
CA ASN B 377 -25.75 26.54 10.30
C ASN B 377 -25.46 25.69 9.07
N GLY B 378 -24.90 24.50 9.27
CA GLY B 378 -24.67 23.56 8.18
C GLY B 378 -23.43 23.83 7.33
N TYR B 379 -22.61 24.80 7.75
CA TYR B 379 -21.38 25.14 7.01
C TYR B 379 -20.13 25.09 7.87
N LEU B 380 -19.03 24.61 7.31
CA LEU B 380 -17.71 24.75 7.95
C LEU B 380 -16.94 25.86 7.25
N TYR B 381 -16.34 26.74 8.04
CA TYR B 381 -15.59 27.87 7.51
C TYR B 381 -14.09 27.62 7.64
N ALA B 382 -13.33 27.94 6.61
CA ALA B 382 -11.89 27.75 6.68
C ALA B 382 -11.28 28.70 7.70
N SER B 383 -10.21 28.26 8.33
CA SER B 383 -9.43 29.13 9.20
C SER B 383 -8.89 30.32 8.42
N GLU B 384 -8.79 31.48 9.07
CA GLU B 384 -8.36 32.70 8.40
C GLU B 384 -7.05 33.27 8.95
N ILE B 385 -6.45 32.59 9.93
CA ILE B 385 -5.13 32.97 10.41
C ILE B 385 -4.07 32.32 9.52
N ALA B 386 -2.81 32.68 9.70
CA ALA B 386 -1.74 32.13 8.87
C ALA B 386 -1.58 30.63 9.12
N GLY B 387 -1.27 29.87 8.07
CA GLY B 387 -1.03 28.44 8.21
C GLY B 387 -2.30 27.60 8.14
N ILE B 388 -2.21 26.36 8.64
CA ILE B 388 -3.39 25.51 8.72
C ILE B 388 -4.41 26.11 9.68
N GLY B 389 -3.94 26.63 10.80
CA GLY B 389 -4.80 27.31 11.75
C GLY B 389 -5.09 26.54 13.02
N VAL B 390 -4.68 25.27 13.03
CA VAL B 390 -4.86 24.41 14.19
C VAL B 390 -3.54 23.69 14.43
N GLU B 391 -3.10 23.65 15.68
CA GLU B 391 -1.87 22.96 16.03
C GLU B 391 -2.17 21.99 17.15
N MET B 392 -1.13 21.33 17.65
N MET B 392 -1.12 21.32 17.64
CA MET B 392 -1.29 20.45 18.81
CA MET B 392 -1.21 20.44 18.80
C MET B 392 -0.55 21.02 20.02
C MET B 392 -0.54 21.06 20.02
N ASP B 393 -1.22 21.02 21.16
CA ASP B 393 -0.62 21.42 22.43
C ASP B 393 0.16 20.19 22.89
N ARG B 394 1.49 20.29 22.89
CA ARG B 394 2.37 19.16 23.20
C ARG B 394 2.21 18.67 24.63
N GLU B 395 2.02 19.59 25.57
CA GLU B 395 1.88 19.21 26.96
C GLU B 395 0.56 18.49 27.20
N ALA B 396 -0.51 18.98 26.57
CA ALA B 396 -1.81 18.36 26.72
C ALA B 396 -1.82 16.97 26.08
N ALA B 397 -1.12 16.81 24.97
CA ALA B 397 -1.06 15.52 24.28
C ALA B 397 -0.45 14.44 25.18
N GLN B 398 0.51 14.84 26.00
CA GLN B 398 1.18 13.92 26.91
C GLN B 398 0.25 13.30 27.95
N ASP B 399 -0.85 13.97 28.27
CA ASP B 399 -1.81 13.47 29.25
C ASP B 399 -2.62 12.29 28.69
N PHE B 400 -2.57 12.11 27.38
CA PHE B 400 -3.34 11.05 26.72
C PHE B 400 -2.48 10.21 25.79
N PRO B 401 -1.64 9.33 26.35
CA PRO B 401 -0.76 8.55 25.46
C PRO B 401 -1.53 7.46 24.72
N VAL B 402 -0.86 6.85 23.74
CA VAL B 402 -1.41 5.74 22.97
C VAL B 402 -1.94 4.61 23.86
N GLU B 403 -3.06 4.01 23.45
CA GLU B 403 -3.57 2.81 24.12
C GLU B 403 -3.99 1.80 23.08
N TYR B 404 -3.55 0.56 23.25
CA TYR B 404 -3.89 -0.51 22.30
C TYR B 404 -5.40 -0.73 22.18
N ARG B 405 -5.89 -0.81 20.94
CA ARG B 405 -7.26 -1.19 20.68
C ARG B 405 -7.25 -2.21 19.55
N PRO B 406 -8.01 -3.30 19.70
CA PRO B 406 -7.96 -4.36 18.68
C PRO B 406 -8.84 -4.09 17.45
N HIS B 407 -9.83 -3.19 17.60
CA HIS B 407 -10.82 -2.94 16.55
C HIS B 407 -11.44 -4.23 16.04
N GLU B 408 -12.04 -4.99 16.95
CA GLU B 408 -12.58 -6.30 16.61
C GLU B 408 -13.60 -6.31 15.47
N TRP B 409 -14.24 -5.17 15.22
CA TRP B 409 -15.25 -5.09 14.15
C TRP B 409 -14.66 -5.42 12.77
N THR B 410 -13.35 -5.34 12.65
CA THR B 410 -12.71 -5.63 11.36
C THR B 410 -12.64 -7.12 11.07
N GLN B 411 -12.89 -7.95 12.09
CA GLN B 411 -13.03 -9.39 11.90
C GLN B 411 -14.48 -9.69 11.55
N SER B 412 -14.95 -9.07 10.47
N SER B 412 -14.99 -9.04 10.51
CA SER B 412 -16.34 -9.15 10.01
CA SER B 412 -16.39 -9.16 10.14
C SER B 412 -16.64 -10.50 9.37
C SER B 412 -16.65 -10.48 9.42
N ARG B 413 -17.64 -11.22 9.90
CA ARG B 413 -17.99 -12.53 9.36
C ARG B 413 -19.45 -12.65 8.94
N LEU B 414 -19.68 -13.42 7.88
CA LEU B 414 -21.04 -13.75 7.45
C LEU B 414 -21.52 -14.95 8.28
N PRO B 415 -22.81 -15.30 8.18
CA PRO B 415 -23.32 -16.37 9.04
C PRO B 415 -22.57 -17.71 8.92
N ASP B 416 -22.02 -18.03 7.76
CA ASP B 416 -21.30 -19.31 7.60
C ASP B 416 -19.87 -19.27 8.16
N GLY B 417 -19.49 -18.13 8.74
CA GLY B 417 -18.21 -18.03 9.42
C GLY B 417 -17.09 -17.46 8.54
N SER B 418 -17.43 -17.06 7.32
CA SER B 418 -16.37 -16.57 6.43
C SER B 418 -16.18 -15.06 6.60
N ILE B 419 -14.95 -14.61 6.39
CA ILE B 419 -14.61 -13.19 6.45
C ILE B 419 -15.25 -12.48 5.27
N HIS B 420 -15.80 -11.28 5.51
CA HIS B 420 -16.17 -10.37 4.43
C HIS B 420 -15.42 -9.06 4.66
N THR B 421 -15.17 -8.30 3.60
CA THR B 421 -14.50 -7.00 3.75
C THR B 421 -15.34 -6.18 4.72
N PRO B 422 -14.69 -5.59 5.74
CA PRO B 422 -15.37 -4.94 6.87
C PRO B 422 -15.80 -3.50 6.66
#